data_3N8V
#
_entry.id   3N8V
#
_cell.length_a   181.907
_cell.length_b   181.907
_cell.length_c   102.579
_cell.angle_alpha   90.00
_cell.angle_beta   90.00
_cell.angle_gamma   120.00
#
_symmetry.space_group_name_H-M   'P 65'
#
loop_
_entity.id
_entity.type
_entity.pdbx_description
1 polymer 'Prostaglandin G/H synthase 1'
2 branched 2-acetamido-2-deoxy-alpha-D-glucopyranose-(1-4)-2-acetamido-2-deoxy-beta-D-glucopyranose
3 branched 2-acetamido-2-deoxy-beta-D-glucopyranose-(1-4)-2-acetamido-2-deoxy-beta-D-glucopyranose
4 branched alpha-D-mannopyranose-(1-6)-alpha-D-mannopyranose-(1-6)-beta-D-mannopyranose-(1-4)-2-acetamido-2-deoxy-alpha-D-glucopyranose-(1-4)-2-acetamido-2-deoxy-beta-D-glucopyranose
5 branched beta-D-mannopyranose-(1-6)-beta-D-mannopyranose-(1-4)-2-acetamido-2-deoxy-alpha-D-glucopyranose-(1-4)-2-acetamido-2-deoxy-beta-D-glucopyranose
6 non-polymer 'PROTOPORPHYRIN IX CONTAINING FE'
7 non-polymer 'octyl beta-D-glucopyranoside'
8 non-polymer GLYCEROL
9 water water
#
_entity_poly.entity_id   1
_entity_poly.type   'polypeptide(L)'
_entity_poly.pdbx_seq_one_letter_code
;PVNPCCYYPCQHQGICVRFGLDRYQCDCTRTGYSGPNCTIPEIWTWLRTTLRPSPSFIHFLLTHGRWLWDFVNATFIRDT
LMRLVLTVRSNLIPSPPTYNIAHDYISWESFSNVSYYTRILPSVPRDCPTPMGTKGKKQLPDAEFLSRRFLLRRKFIPDP
QGTNLMFAFFAQHFTHQFFKTSGKMGPGFTKALGHGVDLGHIYGDNLERQYQLRLFKDGKLKYQMLNGEVYPPSVEEAPV
LMHYPRGIPPQSQMAVGQEVFGLLPGLMLYATIWLREHNRVCDLLKAEHPTWGDEQLFQTARLILIGETIKIVIEEYVQQ
LSGYFLQLKFDPELLFGAQFQYRNRIAMEFNQLYHWHPLMPDSFRVGPQDYSYEQFLFNTSMLVDYGVEALVDAFSRQPA
GRIGGGRNIDHHILHVAVDVIKESRVLRLQPFNEYRKRFGMKPYTSFQELTGEKEMAAELEELYGDIDALEFYPGLLLEK
CHPNSIFGESMIEMGAPFSLKGLLGNPICSPEYWKASTFGGEVGFNLVKTATLKKLVCLNTKTCPYVSFHVPD
;
_entity_poly.pdbx_strand_id   A,B
#
loop_
_chem_comp.id
_chem_comp.type
_chem_comp.name
_chem_comp.formula
BMA D-saccharide, beta linking beta-D-mannopyranose 'C6 H12 O6'
BOG D-saccharide 'octyl beta-D-glucopyranoside' 'C14 H28 O6'
GOL non-polymer GLYCEROL 'C3 H8 O3'
HEM non-polymer 'PROTOPORPHYRIN IX CONTAINING FE' 'C34 H32 Fe N4 O4'
MAN D-saccharide, alpha linking alpha-D-mannopyranose 'C6 H12 O6'
NAG D-saccharide, beta linking 2-acetamido-2-deoxy-beta-D-glucopyranose 'C8 H15 N O6'
NDG D-saccharide, alpha linking 2-acetamido-2-deoxy-alpha-D-glucopyranose 'C8 H15 N O6'
#
# COMPACT_ATOMS: atom_id res chain seq x y z
N PRO A 1 13.81 -33.35 -19.16
CA PRO A 1 14.88 -32.38 -18.94
C PRO A 1 14.77 -31.70 -17.58
N VAL A 2 15.88 -31.64 -16.86
CA VAL A 2 15.93 -31.03 -15.53
C VAL A 2 15.75 -29.50 -15.59
N ASN A 3 14.93 -28.98 -14.67
CA ASN A 3 14.68 -27.54 -14.55
C ASN A 3 15.93 -26.80 -14.04
N PRO A 4 16.44 -25.85 -14.83
CA PRO A 4 17.70 -25.15 -14.53
C PRO A 4 17.71 -24.39 -13.20
N CYS A 5 16.58 -23.77 -12.85
CA CYS A 5 16.48 -22.96 -11.63
C CYS A 5 16.49 -23.79 -10.34
N CYS A 6 16.67 -25.10 -10.48
CA CYS A 6 16.81 -26.00 -9.32
C CYS A 6 18.23 -25.95 -8.74
N TYR A 7 19.16 -25.44 -9.54
CA TYR A 7 20.55 -25.29 -9.11
C TYR A 7 20.80 -23.93 -8.46
N TYR A 8 19.78 -23.06 -8.52
CA TYR A 8 19.88 -21.66 -8.09
C TYR A 8 21.15 -21.03 -8.67
N PRO A 9 21.20 -20.89 -10.01
CA PRO A 9 22.44 -20.60 -10.71
C PRO A 9 22.93 -19.16 -10.54
N CYS A 10 22.05 -18.27 -10.11
CA CYS A 10 22.37 -16.85 -10.11
C CYS A 10 22.48 -16.23 -8.73
N GLN A 11 23.49 -15.37 -8.59
CA GLN A 11 23.91 -14.87 -7.30
C GLN A 11 23.52 -13.41 -7.09
N HIS A 12 23.51 -13.01 -5.81
CA HIS A 12 23.29 -11.62 -5.38
C HIS A 12 21.94 -11.06 -5.85
N GLN A 13 20.87 -11.74 -5.46
CA GLN A 13 19.50 -11.30 -5.71
C GLN A 13 19.11 -11.26 -7.20
N GLY A 14 19.81 -12.02 -8.03
CA GLY A 14 19.47 -12.17 -9.44
C GLY A 14 18.25 -13.06 -9.61
N ILE A 15 17.55 -12.89 -10.73
CA ILE A 15 16.31 -13.64 -10.98
C ILE A 15 16.47 -14.69 -12.08
N CYS A 16 16.25 -15.95 -11.70
CA CYS A 16 16.32 -17.09 -12.62
C CYS A 16 15.04 -17.21 -13.43
N VAL A 17 15.11 -16.86 -14.71
CA VAL A 17 13.97 -17.01 -15.62
C VAL A 17 14.26 -18.07 -16.66
N ARG A 18 13.32 -19.00 -16.82
CA ARG A 18 13.47 -20.12 -17.74
C ARG A 18 13.06 -19.71 -19.15
N PHE A 19 13.94 -19.99 -20.10
CA PHE A 19 13.70 -19.72 -21.52
C PHE A 19 13.79 -21.02 -22.31
N GLY A 20 13.02 -21.11 -23.40
CA GLY A 20 13.05 -22.28 -24.28
C GLY A 20 12.70 -23.60 -23.60
N LEU A 21 13.33 -24.68 -24.07
CA LEU A 21 13.03 -26.01 -23.57
C LEU A 21 13.85 -26.38 -22.34
N ASP A 22 15.17 -26.13 -22.40
CA ASP A 22 16.09 -26.51 -21.32
C ASP A 22 17.05 -25.40 -20.91
N ARG A 23 16.78 -24.18 -21.38
CA ARG A 23 17.65 -23.03 -21.12
C ARG A 23 17.14 -22.12 -20.01
N TYR A 24 18.00 -21.18 -19.62
CA TYR A 24 17.66 -20.16 -18.64
C TYR A 24 18.51 -18.92 -18.85
N GLN A 25 17.99 -17.77 -18.43
CA GLN A 25 18.75 -16.53 -18.39
C GLN A 25 18.54 -15.87 -17.05
N CYS A 26 19.38 -14.90 -16.73
CA CYS A 26 19.24 -14.17 -15.48
C CYS A 26 19.24 -12.67 -15.65
N ASP A 27 18.22 -12.05 -15.08
CA ASP A 27 18.10 -10.60 -15.03
C ASP A 27 18.73 -10.11 -13.75
N CYS A 28 19.78 -9.30 -13.88
CA CYS A 28 20.55 -8.83 -12.75
C CYS A 28 20.65 -7.32 -12.73
N THR A 29 19.53 -6.67 -13.06
CA THR A 29 19.45 -5.22 -13.03
C THR A 29 19.57 -4.74 -11.59
N ARG A 30 20.44 -3.74 -11.39
CA ARG A 30 20.66 -3.11 -10.08
C ARG A 30 21.08 -4.05 -8.95
N THR A 31 21.58 -5.23 -9.31
CA THR A 31 22.14 -6.17 -8.34
C THR A 31 23.59 -5.81 -8.03
N GLY A 32 24.17 -4.96 -8.89
CA GLY A 32 25.56 -4.56 -8.79
C GLY A 32 26.50 -5.53 -9.47
N TYR A 33 25.94 -6.50 -10.19
CA TYR A 33 26.72 -7.56 -10.81
C TYR A 33 26.39 -7.78 -12.29
N SER A 34 27.30 -8.46 -12.98
CA SER A 34 27.20 -8.74 -14.41
C SER A 34 27.58 -10.18 -14.69
N GLY A 35 27.20 -10.68 -15.86
CA GLY A 35 27.52 -12.04 -16.29
C GLY A 35 26.28 -12.89 -16.54
N PRO A 36 26.49 -14.13 -17.07
CA PRO A 36 25.38 -15.06 -17.29
C PRO A 36 24.73 -15.51 -15.98
N ASN A 37 25.56 -15.71 -14.95
CA ASN A 37 25.10 -16.07 -13.60
C ASN A 37 25.20 -14.88 -12.63
N CYS A 38 25.93 -13.85 -13.07
CA CYS A 38 26.07 -12.60 -12.33
C CYS A 38 26.98 -12.69 -11.11
N THR A 39 28.26 -12.94 -11.38
CA THR A 39 29.31 -13.03 -10.36
C THR A 39 30.39 -11.99 -10.58
N ILE A 40 30.38 -11.36 -11.75
CA ILE A 40 31.33 -10.30 -12.12
C ILE A 40 30.91 -8.97 -11.47
N PRO A 41 31.73 -8.45 -10.55
CA PRO A 41 31.36 -7.23 -9.81
C PRO A 41 31.56 -5.95 -10.60
N GLU A 42 30.75 -4.94 -10.29
CA GLU A 42 30.86 -3.62 -10.90
C GLU A 42 31.87 -2.81 -10.10
N ILE A 43 32.45 -1.79 -10.75
CA ILE A 43 33.44 -0.90 -10.13
C ILE A 43 33.12 -0.59 -8.67
N TRP A 44 31.90 -0.11 -8.43
CA TRP A 44 31.46 0.34 -7.11
C TRP A 44 31.31 -0.81 -6.11
N THR A 45 30.70 -1.92 -6.55
CA THR A 45 30.45 -3.07 -5.69
C THR A 45 31.69 -3.86 -5.29
N TRP A 46 32.68 -3.92 -6.20
CA TRP A 46 33.96 -4.56 -5.93
C TRP A 46 34.72 -3.82 -4.84
N LEU A 47 34.61 -2.49 -4.84
CA LEU A 47 35.17 -1.65 -3.79
C LEU A 47 34.37 -1.82 -2.50
N ARG A 48 33.06 -1.98 -2.66
CA ARG A 48 32.13 -2.16 -1.54
C ARG A 48 32.35 -3.50 -0.82
N THR A 49 32.72 -4.52 -1.58
CA THR A 49 32.85 -5.88 -1.03
C THR A 49 34.21 -6.16 -0.37
N THR A 50 35.25 -5.47 -0.83
CA THR A 50 36.60 -5.62 -0.27
C THR A 50 36.81 -4.75 0.97
N LEU A 51 36.05 -3.66 1.06
CA LEU A 51 36.10 -2.76 2.22
C LEU A 51 35.01 -3.08 3.25
N ARG A 52 34.24 -4.13 2.99
CA ARG A 52 33.21 -4.58 3.93
C ARG A 52 33.81 -5.55 4.96
N PRO A 53 33.64 -5.25 6.25
CA PRO A 53 33.98 -6.22 7.29
C PRO A 53 32.86 -7.26 7.43
N SER A 54 33.21 -8.45 7.92
CA SER A 54 32.25 -9.55 8.10
C SER A 54 31.18 -9.22 9.15
N PRO A 55 29.96 -9.78 8.98
CA PRO A 55 28.88 -9.61 9.97
C PRO A 55 29.28 -10.00 11.40
N SER A 56 30.32 -10.82 11.52
CA SER A 56 30.90 -11.19 12.81
C SER A 56 31.62 -10.00 13.43
N PHE A 57 32.40 -9.30 12.61
CA PHE A 57 33.16 -8.12 13.04
C PHE A 57 32.25 -6.98 13.50
N ILE A 58 31.12 -6.79 12.80
CA ILE A 58 30.13 -5.78 13.18
C ILE A 58 29.48 -6.11 14.53
N HIS A 59 29.05 -7.37 14.69
CA HIS A 59 28.47 -7.84 15.95
C HIS A 59 29.46 -7.68 17.10
N PHE A 60 30.74 -7.92 16.82
CA PHE A 60 31.81 -7.75 17.80
C PHE A 60 31.99 -6.29 18.22
N LEU A 61 31.81 -5.38 17.26
CA LEU A 61 31.92 -3.94 17.52
C LEU A 61 30.77 -3.43 18.39
N LEU A 62 29.55 -3.82 18.05
CA LEU A 62 28.34 -3.37 18.74
C LEU A 62 28.20 -3.94 20.16
N THR A 63 28.89 -5.05 20.44
CA THR A 63 28.76 -5.74 21.73
C THR A 63 30.03 -5.70 22.60
N HIS A 64 31.00 -4.87 22.20
CA HIS A 64 32.23 -4.69 22.97
C HIS A 64 32.62 -3.21 23.06
N GLY A 65 33.24 -2.84 24.18
CA GLY A 65 33.52 -1.44 24.48
C GLY A 65 32.35 -0.83 25.23
N ARG A 66 32.66 -0.02 26.24
CA ARG A 66 31.64 0.46 27.18
C ARG A 66 31.30 1.97 27.26
N TRP A 67 32.23 2.93 27.19
CA TRP A 67 33.59 2.90 26.60
C TRP A 67 33.49 2.86 25.07
N LEU A 68 33.82 3.97 24.44
CA LEU A 68 33.62 4.19 22.99
C LEU A 68 32.12 4.34 22.66
N TRP A 69 31.28 3.51 23.26
CA TRP A 69 29.83 3.54 23.02
C TRP A 69 29.09 4.51 23.94
N ASP A 70 29.65 4.79 25.11
CA ASP A 70 29.12 5.81 26.01
C ASP A 70 29.25 7.21 25.39
N PHE A 71 30.33 7.40 24.63
CA PHE A 71 30.54 8.63 23.87
C PHE A 71 29.57 8.72 22.70
N VAL A 72 29.51 7.65 21.90
CA VAL A 72 28.64 7.59 20.72
C VAL A 72 27.17 7.89 21.06
N ASN A 73 26.67 7.29 22.14
CA ASN A 73 25.29 7.48 22.58
C ASN A 73 24.98 8.90 23.04
N ALA A 74 26.00 9.59 23.57
CA ALA A 74 25.85 10.96 24.06
C ALA A 74 26.11 12.02 22.98
N THR A 75 26.38 11.57 21.76
CA THR A 75 26.66 12.47 20.63
C THR A 75 25.72 12.23 19.45
N PHE A 76 25.97 12.96 18.36
CA PHE A 76 25.20 12.86 17.12
C PHE A 76 25.45 11.55 16.37
N ILE A 77 26.59 10.92 16.65
CA ILE A 77 26.95 9.62 16.06
C ILE A 77 25.84 8.58 16.27
N ARG A 78 25.17 8.67 17.43
CA ARG A 78 24.03 7.83 17.76
C ARG A 78 22.96 7.84 16.66
N ASP A 79 22.66 9.04 16.16
CA ASP A 79 21.66 9.22 15.11
C ASP A 79 22.20 8.83 13.73
N THR A 80 23.48 9.13 13.49
CA THR A 80 24.16 8.79 12.23
C THR A 80 24.19 7.26 12.02
N LEU A 81 24.46 6.53 13.10
CA LEU A 81 24.48 5.06 13.05
C LEU A 81 23.08 4.46 12.94
N MET A 82 22.13 5.00 13.70
CA MET A 82 20.74 4.53 13.66
C MET A 82 20.13 4.65 12.27
N ARG A 83 20.44 5.76 11.59
CA ARG A 83 20.01 5.99 10.22
C ARG A 83 20.65 4.95 9.29
N LEU A 84 21.92 4.64 9.54
CA LEU A 84 22.64 3.65 8.75
C LEU A 84 22.12 2.22 8.97
N VAL A 85 21.79 1.88 10.23
CA VAL A 85 21.21 0.58 10.55
C VAL A 85 19.87 0.39 9.84
N LEU A 86 18.97 1.36 10.00
CA LEU A 86 17.68 1.35 9.32
C LEU A 86 17.82 1.26 7.80
N THR A 87 18.75 2.04 7.25
CA THR A 87 18.99 2.09 5.80
C THR A 87 19.45 0.74 5.26
N VAL A 88 20.53 0.23 5.82
CA VAL A 88 21.21 -0.97 5.29
C VAL A 88 20.40 -2.25 5.52
N ARG A 89 19.73 -2.34 6.67
CA ARG A 89 18.90 -3.50 7.00
C ARG A 89 17.65 -3.62 6.12
N SER A 90 16.96 -2.50 5.91
CA SER A 90 15.69 -2.50 5.19
C SER A 90 15.80 -2.70 3.68
N ASN A 91 16.93 -2.30 3.09
CA ASN A 91 17.19 -2.48 1.67
C ASN A 91 17.22 -3.94 1.22
N LEU A 92 17.39 -4.83 2.18
CA LEU A 92 17.52 -6.26 1.91
C LEU A 92 16.15 -6.92 1.73
N ILE A 93 15.11 -6.10 1.65
CA ILE A 93 13.72 -6.56 1.51
C ILE A 93 13.03 -5.89 0.31
N PRO A 94 12.35 -6.69 -0.52
CA PRO A 94 11.61 -6.14 -1.65
C PRO A 94 10.43 -5.29 -1.19
N SER A 95 10.36 -4.06 -1.70
CA SER A 95 9.28 -3.14 -1.41
C SER A 95 9.10 -2.21 -2.61
N PRO A 96 7.96 -2.34 -3.34
CA PRO A 96 6.85 -3.28 -3.19
C PRO A 96 7.24 -4.77 -3.18
N PRO A 97 6.42 -5.61 -2.55
CA PRO A 97 6.65 -7.05 -2.37
C PRO A 97 6.68 -7.82 -3.68
N THR A 98 7.43 -8.92 -3.72
CA THR A 98 7.64 -9.66 -4.97
C THR A 98 6.83 -10.94 -5.12
N TYR A 99 7.11 -11.94 -4.30
CA TYR A 99 6.53 -13.28 -4.50
C TYR A 99 5.62 -13.74 -3.37
N ASN A 100 4.78 -14.74 -3.69
CA ASN A 100 3.95 -15.44 -2.70
C ASN A 100 3.89 -16.96 -2.97
N ILE A 101 3.09 -17.68 -2.19
CA ILE A 101 2.99 -19.13 -2.30
C ILE A 101 2.53 -19.61 -3.68
N ALA A 102 1.62 -18.86 -4.31
CA ALA A 102 1.08 -19.21 -5.62
C ALA A 102 1.98 -18.79 -6.77
N HIS A 103 2.63 -17.63 -6.63
CA HIS A 103 3.44 -17.07 -7.72
C HIS A 103 4.91 -16.89 -7.35
N ASP A 104 5.78 -17.59 -8.08
CA ASP A 104 7.22 -17.45 -7.94
C ASP A 104 7.75 -16.45 -8.96
N TYR A 105 7.00 -15.36 -9.12
CA TYR A 105 7.29 -14.29 -10.07
C TYR A 105 6.48 -13.07 -9.65
N ILE A 106 6.85 -11.91 -10.18
CA ILE A 106 6.13 -10.68 -9.86
C ILE A 106 4.83 -10.63 -10.66
N SER A 107 3.73 -10.41 -9.96
CA SER A 107 2.40 -10.33 -10.57
C SER A 107 1.54 -9.29 -9.87
N TRP A 108 0.46 -8.88 -10.52
CA TRP A 108 -0.45 -7.90 -9.94
C TRP A 108 -1.23 -8.44 -8.74
N GLU A 109 -1.61 -9.72 -8.81
CA GLU A 109 -2.28 -10.41 -7.70
C GLU A 109 -1.40 -10.49 -6.45
N SER A 110 -0.11 -10.75 -6.65
CA SER A 110 0.86 -10.81 -5.56
C SER A 110 0.99 -9.46 -4.87
N PHE A 111 0.81 -8.38 -5.63
CA PHE A 111 0.80 -7.02 -5.09
C PHE A 111 -0.53 -6.73 -4.39
N SER A 112 -1.65 -7.01 -5.05
CA SER A 112 -2.98 -6.59 -4.59
C SER A 112 -3.60 -7.46 -3.50
N ASN A 113 -3.54 -8.78 -3.67
CA ASN A 113 -4.14 -9.72 -2.72
C ASN A 113 -3.32 -9.80 -1.43
N VAL A 114 -3.82 -9.14 -0.38
CA VAL A 114 -3.11 -9.05 0.90
C VAL A 114 -3.35 -10.26 1.82
N SER A 115 -4.19 -11.20 1.37
CA SER A 115 -4.42 -12.45 2.11
C SER A 115 -3.21 -13.38 2.04
N TYR A 116 -2.38 -13.18 1.02
CA TYR A 116 -1.14 -13.94 0.87
C TYR A 116 -0.06 -13.44 1.84
N TYR A 117 0.73 -14.38 2.35
CA TYR A 117 2.01 -14.05 2.97
C TYR A 117 3.01 -13.76 1.86
N THR A 118 4.01 -12.94 2.14
CA THR A 118 5.04 -12.63 1.15
C THR A 118 6.13 -13.70 1.16
N ARG A 119 7.05 -13.58 0.21
CA ARG A 119 8.07 -14.59 -0.01
C ARG A 119 9.29 -13.95 -0.67
N ILE A 120 10.43 -13.99 0.01
CA ILE A 120 11.65 -13.38 -0.51
C ILE A 120 12.31 -14.26 -1.57
N LEU A 121 12.68 -15.49 -1.20
CA LEU A 121 13.18 -16.46 -2.15
C LEU A 121 12.02 -17.17 -2.84
N PRO A 122 12.16 -17.49 -4.14
CA PRO A 122 11.13 -18.29 -4.80
C PRO A 122 11.04 -19.69 -4.19
N SER A 123 9.90 -20.35 -4.40
CA SER A 123 9.72 -21.73 -3.94
C SER A 123 10.71 -22.66 -4.63
N VAL A 124 11.00 -23.79 -4.00
CA VAL A 124 11.74 -24.85 -4.66
C VAL A 124 10.79 -25.51 -5.67
N PRO A 125 11.10 -25.35 -6.98
CA PRO A 125 10.22 -25.85 -8.06
C PRO A 125 9.86 -27.33 -7.90
N ARG A 126 8.63 -27.67 -8.28
CA ARG A 126 8.10 -29.02 -8.13
C ARG A 126 8.74 -30.06 -9.05
N ASP A 127 9.43 -29.57 -10.09
CA ASP A 127 10.11 -30.42 -11.07
C ASP A 127 11.60 -30.62 -10.76
N CYS A 128 12.01 -30.26 -9.54
CA CYS A 128 13.38 -30.48 -9.10
C CYS A 128 13.60 -31.93 -8.69
N PRO A 129 14.82 -32.46 -8.88
CA PRO A 129 15.16 -33.83 -8.48
C PRO A 129 14.98 -34.07 -6.98
N THR A 130 15.74 -33.36 -6.15
CA THR A 130 15.59 -33.43 -4.70
C THR A 130 14.55 -32.39 -4.24
N PRO A 131 13.99 -32.55 -3.03
CA PRO A 131 12.98 -31.62 -2.55
C PRO A 131 13.55 -30.26 -2.15
N MET A 132 14.85 -30.21 -1.87
CA MET A 132 15.53 -28.98 -1.50
C MET A 132 16.31 -28.38 -2.69
N GLY A 133 15.93 -28.77 -3.89
CA GLY A 133 16.53 -28.25 -5.10
C GLY A 133 17.31 -29.29 -5.88
N THR A 134 18.63 -29.24 -5.75
CA THR A 134 19.53 -30.10 -6.51
C THR A 134 20.33 -31.07 -5.64
N LYS A 135 20.70 -30.61 -4.45
CA LYS A 135 21.57 -31.38 -3.56
C LYS A 135 20.80 -32.06 -2.43
N GLY A 136 21.29 -33.22 -2.00
CA GLY A 136 20.67 -33.96 -0.90
C GLY A 136 20.07 -35.29 -1.30
N LYS A 137 19.30 -35.87 -0.40
CA LYS A 137 18.66 -37.17 -0.60
C LYS A 137 17.25 -37.04 -1.17
N LYS A 138 16.68 -38.16 -1.61
CA LYS A 138 15.36 -38.20 -2.24
C LYS A 138 14.23 -37.80 -1.29
N GLN A 139 14.24 -38.39 -0.09
CA GLN A 139 13.26 -38.06 0.95
C GLN A 139 13.93 -37.24 2.06
N LEU A 140 13.28 -36.14 2.43
CA LEU A 140 13.76 -35.28 3.52
C LEU A 140 13.63 -35.98 4.87
N PRO A 141 14.52 -35.65 5.83
CA PRO A 141 14.49 -36.16 7.19
C PRO A 141 13.12 -36.07 7.86
N ASP A 142 12.85 -36.98 8.78
CA ASP A 142 11.58 -37.01 9.51
C ASP A 142 11.44 -35.78 10.40
N ALA A 143 10.29 -35.13 10.30
CA ALA A 143 10.00 -33.92 11.09
C ALA A 143 9.91 -34.24 12.57
N GLU A 144 9.35 -35.41 12.89
CA GLU A 144 9.16 -35.85 14.27
C GLU A 144 10.47 -36.14 14.98
N PHE A 145 11.36 -36.86 14.30
CA PHE A 145 12.64 -37.29 14.87
C PHE A 145 13.60 -36.12 15.11
N LEU A 146 13.73 -35.24 14.12
CA LEU A 146 14.59 -34.06 14.21
C LEU A 146 14.25 -33.18 15.42
N SER A 147 12.96 -32.97 15.62
CA SER A 147 12.46 -32.21 16.75
C SER A 147 12.76 -32.92 18.07
N ARG A 148 12.61 -34.25 18.06
CA ARG A 148 12.84 -35.08 19.24
C ARG A 148 14.32 -35.20 19.60
N ARG A 149 15.18 -35.20 18.59
CA ARG A 149 16.61 -35.43 18.80
C ARG A 149 17.45 -34.15 18.93
N PHE A 150 17.04 -33.09 18.22
CA PHE A 150 17.85 -31.87 18.15
C PHE A 150 17.19 -30.64 18.76
N LEU A 151 15.87 -30.65 18.86
CA LEU A 151 15.12 -29.50 19.39
C LEU A 151 14.61 -29.71 20.82
N LEU A 152 14.21 -30.94 21.13
CA LEU A 152 13.59 -31.26 22.42
C LEU A 152 14.47 -30.90 23.62
N ARG A 153 13.87 -30.16 24.56
CA ARG A 153 14.56 -29.77 25.78
C ARG A 153 14.73 -30.95 26.71
N ARG A 154 15.89 -31.03 27.32
CA ARG A 154 16.16 -32.02 28.35
C ARG A 154 16.48 -31.27 29.65
N LYS A 155 17.57 -30.52 29.63
CA LYS A 155 17.90 -29.60 30.71
C LYS A 155 17.56 -28.17 30.31
N PHE A 156 16.99 -27.41 31.23
CA PHE A 156 16.63 -26.01 30.99
C PHE A 156 17.88 -25.15 30.80
N ILE A 157 18.12 -24.73 29.56
CA ILE A 157 19.21 -23.82 29.24
C ILE A 157 18.67 -22.39 29.20
N PRO A 158 19.03 -21.59 30.22
CA PRO A 158 18.51 -20.23 30.32
C PRO A 158 19.18 -19.29 29.32
N ASP A 159 18.62 -18.11 29.15
CA ASP A 159 19.22 -17.11 28.28
C ASP A 159 20.31 -16.31 29.00
N PRO A 160 21.52 -16.27 28.42
CA PRO A 160 22.66 -15.55 29.00
C PRO A 160 22.52 -14.03 28.95
N GLN A 161 21.59 -13.53 28.13
CA GLN A 161 21.33 -12.08 28.01
C GLN A 161 20.38 -11.57 29.10
N GLY A 162 19.92 -12.47 29.97
CA GLY A 162 19.07 -12.11 31.10
C GLY A 162 17.62 -11.86 30.75
N THR A 163 17.17 -12.43 29.63
CA THR A 163 15.79 -12.29 29.17
C THR A 163 14.81 -12.98 30.13
N ASN A 164 13.71 -12.29 30.41
CA ASN A 164 12.67 -12.84 31.29
C ASN A 164 11.41 -13.28 30.52
N LEU A 165 10.46 -13.86 31.26
CA LEU A 165 9.19 -14.28 30.68
C LEU A 165 8.34 -13.10 30.22
N MET A 166 8.52 -11.96 30.89
CA MET A 166 7.83 -10.72 30.53
C MET A 166 8.09 -10.34 29.06
N PHE A 167 9.31 -10.61 28.61
CA PHE A 167 9.67 -10.44 27.21
C PHE A 167 8.94 -11.45 26.33
N ALA A 168 8.98 -12.72 26.74
CA ALA A 168 8.37 -13.82 25.96
C ALA A 168 6.91 -13.54 25.62
N PHE A 169 6.12 -13.20 26.64
CA PHE A 169 4.70 -12.91 26.46
C PHE A 169 4.46 -11.66 25.62
N PHE A 170 5.39 -10.71 25.67
CA PHE A 170 5.33 -9.54 24.80
C PHE A 170 5.68 -9.95 23.37
N ALA A 171 6.71 -10.78 23.24
CA ALA A 171 7.16 -11.30 21.96
C ALA A 171 6.11 -12.19 21.30
N GLN A 172 5.13 -12.64 22.09
CA GLN A 172 4.03 -13.45 21.57
C GLN A 172 2.82 -12.55 21.28
N HIS A 173 2.46 -11.71 22.25
CA HIS A 173 1.37 -10.75 22.11
C HIS A 173 1.57 -9.85 20.90
N PHE A 174 2.67 -9.09 20.89
CA PHE A 174 3.02 -8.19 19.79
C PHE A 174 3.07 -8.90 18.44
N THR A 175 3.70 -10.07 18.40
CA THR A 175 3.93 -10.78 17.14
C THR A 175 2.63 -11.30 16.50
N HIS A 176 1.61 -11.51 17.33
CA HIS A 176 0.36 -12.10 16.88
C HIS A 176 -0.63 -11.10 16.25
N GLN A 177 -0.18 -9.88 15.98
CA GLN A 177 -1.02 -8.91 15.27
C GLN A 177 -0.79 -8.96 13.76
N PHE A 178 0.35 -9.52 13.35
CA PHE A 178 0.66 -9.71 11.93
C PHE A 178 0.84 -11.17 11.50
N PHE A 179 0.95 -12.08 12.48
CA PHE A 179 0.97 -13.51 12.19
C PHE A 179 -0.35 -14.17 12.57
N LYS A 180 -1.21 -14.37 11.57
CA LYS A 180 -2.48 -15.08 11.76
C LYS A 180 -2.73 -16.02 10.58
N THR A 181 -2.04 -17.16 10.57
CA THR A 181 -2.22 -18.15 9.50
C THR A 181 -3.62 -18.76 9.58
N SER A 182 -4.37 -18.60 8.49
CA SER A 182 -5.77 -19.03 8.44
C SER A 182 -5.93 -20.54 8.34
N GLY A 183 -6.89 -21.06 9.12
CA GLY A 183 -7.26 -22.47 9.04
C GLY A 183 -8.11 -22.77 7.83
N LYS A 184 -8.81 -21.74 7.34
CA LYS A 184 -9.69 -21.86 6.19
C LYS A 184 -8.92 -21.98 4.87
N MET A 185 -8.07 -20.99 4.58
CA MET A 185 -7.32 -20.96 3.33
C MET A 185 -6.05 -21.81 3.37
N GLY A 186 -5.58 -22.12 4.57
CA GLY A 186 -4.41 -22.98 4.75
C GLY A 186 -3.09 -22.24 4.90
N PRO A 187 -1.96 -22.97 4.72
CA PRO A 187 -0.62 -22.40 4.86
C PRO A 187 -0.29 -21.41 3.75
N GLY A 188 0.38 -20.32 4.11
CA GLY A 188 0.76 -19.27 3.15
C GLY A 188 -0.26 -18.16 3.03
N PHE A 189 -1.33 -18.23 3.83
CA PHE A 189 -2.38 -17.22 3.84
C PHE A 189 -2.60 -16.64 5.23
N THR A 190 -2.93 -15.36 5.27
CA THR A 190 -3.09 -14.64 6.55
C THR A 190 -4.45 -13.99 6.70
N LYS A 191 -4.88 -13.84 7.95
CA LYS A 191 -6.09 -13.09 8.29
C LYS A 191 -5.73 -11.67 8.72
N ALA A 192 -4.51 -11.51 9.23
CA ALA A 192 -4.02 -10.23 9.72
C ALA A 192 -3.64 -9.30 8.57
N LEU A 193 -4.67 -8.69 7.99
CA LEU A 193 -4.54 -7.89 6.77
C LEU A 193 -3.72 -6.60 6.94
N GLY A 194 -3.53 -6.18 8.19
CA GLY A 194 -2.74 -4.99 8.52
C GLY A 194 -1.26 -5.10 8.17
N HIS A 195 -0.76 -6.34 8.17
CA HIS A 195 0.62 -6.67 7.78
C HIS A 195 1.70 -5.92 8.56
N GLY A 196 1.48 -5.76 9.87
CA GLY A 196 2.43 -5.07 10.71
C GLY A 196 1.82 -4.54 12.00
N VAL A 197 2.38 -3.44 12.49
CA VAL A 197 1.95 -2.84 13.75
C VAL A 197 0.67 -2.02 13.52
N ASP A 198 -0.45 -2.74 13.45
CA ASP A 198 -1.76 -2.13 13.24
C ASP A 198 -2.64 -2.27 14.49
N LEU A 199 -2.22 -3.16 15.38
CA LEU A 199 -2.93 -3.46 16.63
C LEU A 199 -4.25 -4.20 16.41
N GLY A 200 -4.29 -5.00 15.34
CA GLY A 200 -5.42 -5.89 15.06
C GLY A 200 -5.49 -7.06 16.03
N HIS A 201 -4.64 -7.03 17.05
CA HIS A 201 -4.68 -7.99 18.15
C HIS A 201 -5.32 -7.34 19.38
N ILE A 202 -5.67 -6.07 19.23
CA ILE A 202 -6.33 -5.29 20.28
C ILE A 202 -7.70 -4.83 19.79
N TYR A 203 -7.74 -4.31 18.57
CA TYR A 203 -8.97 -3.78 17.98
C TYR A 203 -9.66 -4.77 17.05
N GLY A 204 -8.93 -5.81 16.62
CA GLY A 204 -9.49 -6.83 15.73
C GLY A 204 -9.07 -6.64 14.29
N ASP A 205 -9.03 -7.74 13.54
CA ASP A 205 -8.59 -7.74 12.14
C ASP A 205 -9.65 -7.22 11.15
N ASN A 206 -10.90 -7.18 11.60
CA ASN A 206 -12.00 -6.63 10.81
C ASN A 206 -12.79 -5.57 11.56
N LEU A 207 -13.60 -4.81 10.84
CA LEU A 207 -14.37 -3.70 11.43
C LEU A 207 -15.58 -4.17 12.22
N GLU A 208 -16.23 -5.25 11.75
CA GLU A 208 -17.38 -5.83 12.45
C GLU A 208 -17.03 -6.17 13.90
N ARG A 209 -15.86 -6.79 14.08
CA ARG A 209 -15.34 -7.15 15.41
C ARG A 209 -14.97 -5.90 16.22
N GLN A 210 -14.38 -4.92 15.54
CA GLN A 210 -13.96 -3.67 16.16
C GLN A 210 -15.13 -2.90 16.77
N TYR A 211 -16.23 -2.82 16.03
CA TYR A 211 -17.45 -2.13 16.48
C TYR A 211 -18.08 -2.82 17.69
N GLN A 212 -17.86 -4.13 17.81
CA GLN A 212 -18.37 -4.90 18.95
C GLN A 212 -17.53 -4.69 20.22
N LEU A 213 -16.21 -4.53 20.03
CA LEU A 213 -15.29 -4.28 21.15
C LEU A 213 -15.39 -2.88 21.73
N ARG A 214 -15.99 -1.96 20.97
CA ARG A 214 -16.01 -0.55 21.34
C ARG A 214 -17.24 -0.20 22.17
N LEU A 215 -17.07 0.74 23.10
CA LEU A 215 -18.14 1.20 23.97
C LEU A 215 -19.01 2.25 23.29
N PHE A 216 -18.47 2.87 22.24
CA PHE A 216 -19.15 3.93 21.49
C PHE A 216 -19.46 5.19 22.31
N LYS A 217 -18.66 5.40 23.35
CA LYS A 217 -18.79 6.54 24.24
C LYS A 217 -17.39 6.95 24.71
N ASP A 218 -17.02 8.19 24.40
CA ASP A 218 -15.69 8.74 24.73
C ASP A 218 -14.54 8.08 23.98
N GLY A 219 -14.87 7.32 22.92
CA GLY A 219 -13.87 6.64 22.10
C GLY A 219 -13.28 5.40 22.75
N LYS A 220 -13.80 5.04 23.92
CA LYS A 220 -13.26 3.96 24.73
C LYS A 220 -13.70 2.58 24.27
N LEU A 221 -12.92 1.57 24.63
CA LEU A 221 -13.27 0.17 24.41
C LEU A 221 -14.04 -0.35 25.64
N LYS A 222 -14.91 -1.33 25.42
CA LYS A 222 -15.70 -1.93 26.49
C LYS A 222 -14.82 -2.60 27.55
N TYR A 223 -15.33 -2.67 28.78
CA TYR A 223 -14.61 -3.26 29.91
C TYR A 223 -15.56 -3.72 31.01
N GLN A 224 -15.07 -4.61 31.87
CA GLN A 224 -15.80 -5.07 33.05
C GLN A 224 -14.98 -4.85 34.32
N MET A 225 -15.68 -4.57 35.43
CA MET A 225 -15.01 -4.26 36.69
C MET A 225 -15.01 -5.46 37.63
N LEU A 226 -13.84 -6.07 37.77
CA LEU A 226 -13.66 -7.23 38.65
C LEU A 226 -12.63 -6.90 39.73
N ASN A 227 -13.06 -7.01 40.99
CA ASN A 227 -12.26 -6.65 42.17
C ASN A 227 -11.83 -5.18 42.22
N GLY A 228 -12.60 -4.32 41.54
CA GLY A 228 -12.29 -2.90 41.44
C GLY A 228 -11.19 -2.60 40.43
N GLU A 229 -10.88 -3.59 39.59
CA GLU A 229 -9.84 -3.47 38.58
C GLU A 229 -10.44 -3.58 37.18
N VAL A 230 -9.86 -2.87 36.23
CA VAL A 230 -10.35 -2.86 34.85
C VAL A 230 -9.84 -4.08 34.07
N TYR A 231 -10.76 -4.86 33.52
CA TYR A 231 -10.43 -6.01 32.69
C TYR A 231 -11.25 -6.01 31.39
N PRO A 232 -10.77 -6.73 30.34
CA PRO A 232 -11.54 -6.88 29.11
C PRO A 232 -12.93 -7.47 29.37
N PRO A 233 -13.95 -6.99 28.63
CA PRO A 233 -15.34 -7.37 28.88
C PRO A 233 -15.62 -8.83 28.56
N SER A 234 -16.71 -9.36 29.11
CA SER A 234 -17.13 -10.73 28.83
C SER A 234 -17.79 -10.82 27.44
N VAL A 235 -17.75 -12.01 26.85
CA VAL A 235 -18.34 -12.27 25.54
C VAL A 235 -19.86 -12.03 25.58
N GLU A 236 -20.46 -12.27 26.74
CA GLU A 236 -21.88 -12.01 26.98
C GLU A 236 -22.20 -10.51 26.87
N GLU A 237 -21.18 -9.67 27.01
CA GLU A 237 -21.34 -8.22 26.90
C GLU A 237 -20.92 -7.70 25.51
N ALA A 238 -19.90 -8.31 24.93
CA ALA A 238 -19.43 -7.96 23.59
C ALA A 238 -19.20 -9.22 22.74
N PRO A 239 -20.27 -9.72 22.09
CA PRO A 239 -20.24 -10.98 21.34
C PRO A 239 -19.30 -11.00 20.14
N VAL A 240 -18.09 -11.51 20.35
CA VAL A 240 -17.13 -11.75 19.27
C VAL A 240 -16.60 -13.18 19.33
N LEU A 241 -16.04 -13.64 18.21
CA LEU A 241 -15.48 -14.99 18.12
C LEU A 241 -14.20 -15.10 18.94
N MET A 242 -14.24 -15.93 19.98
CA MET A 242 -13.10 -16.16 20.86
C MET A 242 -12.86 -17.66 21.05
N HIS A 243 -11.62 -18.09 20.87
CA HIS A 243 -11.26 -19.49 21.01
C HIS A 243 -11.12 -19.91 22.47
N TYR A 244 -12.23 -20.28 23.08
CA TYR A 244 -12.28 -20.78 24.45
C TYR A 244 -12.75 -22.24 24.48
N PRO A 245 -12.30 -23.03 25.48
CA PRO A 245 -12.78 -24.40 25.66
C PRO A 245 -14.29 -24.46 25.85
N ARG A 246 -14.95 -25.38 25.16
CA ARG A 246 -16.39 -25.54 25.24
C ARG A 246 -16.81 -25.92 26.65
N GLY A 247 -17.70 -25.12 27.24
CA GLY A 247 -18.19 -25.37 28.59
C GLY A 247 -17.87 -24.26 29.59
N ILE A 248 -16.91 -23.41 29.22
CA ILE A 248 -16.51 -22.26 30.05
C ILE A 248 -17.63 -21.22 30.10
N PRO A 249 -18.02 -20.78 31.32
CA PRO A 249 -19.06 -19.77 31.51
C PRO A 249 -18.75 -18.48 30.76
N PRO A 250 -19.77 -17.87 30.11
CA PRO A 250 -19.63 -16.63 29.35
C PRO A 250 -19.11 -15.46 30.20
N GLN A 251 -19.29 -15.54 31.51
CA GLN A 251 -18.78 -14.52 32.44
C GLN A 251 -17.27 -14.60 32.57
N SER A 252 -16.76 -15.83 32.66
CA SER A 252 -15.31 -16.08 32.72
C SER A 252 -14.60 -15.73 31.42
N GLN A 253 -15.28 -15.94 30.30
CA GLN A 253 -14.76 -15.59 28.97
C GLN A 253 -14.49 -14.10 28.86
N MET A 254 -13.39 -13.74 28.19
CA MET A 254 -13.02 -12.34 27.98
C MET A 254 -12.82 -12.03 26.50
N ALA A 255 -13.41 -10.92 26.05
CA ALA A 255 -13.38 -10.53 24.63
C ALA A 255 -12.29 -9.52 24.33
N VAL A 256 -11.46 -9.84 23.32
CA VAL A 256 -10.36 -8.96 22.88
C VAL A 256 -10.22 -8.97 21.35
N GLY A 257 -9.17 -8.30 20.85
CA GLY A 257 -8.90 -8.20 19.42
C GLY A 257 -8.50 -9.50 18.77
N GLN A 258 -7.51 -10.17 19.37
CA GLN A 258 -7.03 -11.47 18.89
C GLN A 258 -7.77 -12.59 19.61
N GLU A 259 -8.31 -13.52 18.83
CA GLU A 259 -9.17 -14.61 19.33
C GLU A 259 -8.42 -15.71 20.09
N VAL A 260 -7.10 -15.71 19.96
CA VAL A 260 -6.25 -16.75 20.57
C VAL A 260 -5.84 -16.36 21.99
N PHE A 261 -5.81 -15.06 22.29
CA PHE A 261 -5.31 -14.54 23.57
C PHE A 261 -5.96 -15.11 24.84
N GLY A 262 -7.10 -15.77 24.67
CA GLY A 262 -7.80 -16.38 25.80
C GLY A 262 -7.14 -17.64 26.36
N LEU A 263 -6.32 -18.29 25.54
CA LEU A 263 -5.71 -19.58 25.88
C LEU A 263 -4.57 -19.48 26.91
N LEU A 264 -3.93 -18.31 26.96
CA LEU A 264 -2.84 -18.08 27.92
C LEU A 264 -3.09 -16.83 28.74
N PRO A 265 -2.87 -16.91 30.07
CA PRO A 265 -3.03 -15.76 30.96
C PRO A 265 -2.06 -14.62 30.65
N GLY A 266 -0.87 -14.97 30.16
CA GLY A 266 0.14 -13.99 29.77
C GLY A 266 -0.29 -13.11 28.60
N LEU A 267 -0.96 -13.71 27.63
CA LEU A 267 -1.48 -12.98 26.47
C LEU A 267 -2.64 -12.07 26.87
N MET A 268 -3.53 -12.60 27.69
CA MET A 268 -4.68 -11.86 28.22
C MET A 268 -4.23 -10.74 29.19
N LEU A 269 -3.04 -10.90 29.77
CA LEU A 269 -2.44 -9.86 30.62
C LEU A 269 -2.10 -8.61 29.82
N TYR A 270 -1.36 -8.79 28.72
CA TYR A 270 -1.00 -7.68 27.86
C TYR A 270 -2.21 -7.05 27.19
N ALA A 271 -3.20 -7.88 26.88
CA ALA A 271 -4.46 -7.40 26.30
C ALA A 271 -5.19 -6.49 27.29
N THR A 272 -5.01 -6.76 28.58
CA THR A 272 -5.57 -5.94 29.66
C THR A 272 -4.83 -4.60 29.78
N ILE A 273 -3.50 -4.64 29.64
CA ILE A 273 -2.67 -3.43 29.72
C ILE A 273 -3.04 -2.41 28.64
N TRP A 274 -2.99 -2.85 27.39
CA TRP A 274 -3.26 -1.98 26.23
C TRP A 274 -4.68 -1.42 26.25
N LEU A 275 -5.63 -2.24 26.69
CA LEU A 275 -7.01 -1.79 26.89
C LEU A 275 -7.05 -0.65 27.91
N ARG A 276 -6.43 -0.89 29.06
CA ARG A 276 -6.36 0.07 30.15
C ARG A 276 -5.62 1.34 29.72
N GLU A 277 -4.69 1.18 28.77
CA GLU A 277 -3.98 2.30 28.18
C GLU A 277 -4.89 3.10 27.24
N HIS A 278 -5.52 2.40 26.29
CA HIS A 278 -6.40 3.03 25.31
C HIS A 278 -7.45 3.95 25.94
N ASN A 279 -8.12 3.46 26.98
CA ASN A 279 -9.17 4.20 27.66
C ASN A 279 -8.66 5.42 28.44
N ARG A 280 -7.50 5.30 29.08
CA ARG A 280 -6.91 6.43 29.80
C ARG A 280 -6.33 7.47 28.84
N VAL A 281 -5.95 7.03 27.65
CA VAL A 281 -5.51 7.93 26.56
C VAL A 281 -6.70 8.77 26.08
N CYS A 282 -7.86 8.12 25.95
CA CYS A 282 -9.11 8.78 25.61
C CYS A 282 -9.48 9.86 26.62
N ASP A 283 -9.16 9.62 27.89
CA ASP A 283 -9.38 10.60 28.96
C ASP A 283 -8.51 11.84 28.77
N LEU A 284 -7.26 11.63 28.37
CA LEU A 284 -6.32 12.71 28.11
C LEU A 284 -6.68 13.49 26.85
N LEU A 285 -7.25 12.80 25.86
CA LEU A 285 -7.67 13.42 24.59
C LEU A 285 -8.95 14.26 24.75
N LYS A 286 -9.87 13.78 25.57
CA LYS A 286 -11.13 14.48 25.82
C LYS A 286 -10.92 15.73 26.69
N ALA A 287 -9.80 15.77 27.41
CA ALA A 287 -9.44 16.89 28.27
C ALA A 287 -9.23 18.20 27.50
N GLU A 288 -8.60 18.10 26.35
CA GLU A 288 -8.35 19.29 25.52
C GLU A 288 -9.21 19.30 24.24
N HIS A 289 -10.04 18.27 24.07
CA HIS A 289 -10.94 18.20 22.92
C HIS A 289 -12.36 17.77 23.32
N PRO A 290 -13.10 18.66 24.00
CA PRO A 290 -14.46 18.33 24.43
C PRO A 290 -15.46 18.27 23.27
N THR A 291 -15.08 18.90 22.15
CA THR A 291 -15.94 18.98 20.97
C THR A 291 -15.81 17.73 20.09
N TRP A 292 -14.75 16.97 20.31
CA TRP A 292 -14.46 15.77 19.53
C TRP A 292 -15.53 14.70 19.72
N GLY A 293 -15.93 14.07 18.62
CA GLY A 293 -16.90 12.98 18.64
C GLY A 293 -16.29 11.68 19.13
N ASP A 294 -17.10 10.62 19.15
CA ASP A 294 -16.65 9.30 19.60
C ASP A 294 -15.62 8.69 18.65
N GLU A 295 -15.83 8.88 17.35
CA GLU A 295 -14.96 8.33 16.32
C GLU A 295 -13.54 8.91 16.39
N GLN A 296 -13.45 10.24 16.50
CA GLN A 296 -12.16 10.91 16.55
C GLN A 296 -11.37 10.57 17.81
N LEU A 297 -12.05 10.54 18.95
CA LEU A 297 -11.43 10.15 20.21
C LEU A 297 -10.86 8.74 20.14
N PHE A 298 -11.57 7.85 19.44
CA PHE A 298 -11.15 6.46 19.29
C PHE A 298 -9.98 6.31 18.32
N GLN A 299 -10.13 6.89 17.12
CA GLN A 299 -9.15 6.71 16.05
C GLN A 299 -7.79 7.36 16.35
N THR A 300 -7.83 8.50 17.03
CA THR A 300 -6.61 9.22 17.44
C THR A 300 -5.88 8.44 18.52
N ALA A 301 -6.64 7.88 19.47
CA ALA A 301 -6.08 7.07 20.55
C ALA A 301 -5.37 5.82 20.02
N ARG A 302 -5.94 5.23 18.98
CA ARG A 302 -5.35 4.05 18.33
C ARG A 302 -3.95 4.36 17.80
N LEU A 303 -3.82 5.46 17.08
CA LEU A 303 -2.56 5.89 16.49
C LEU A 303 -1.48 6.12 17.54
N ILE A 304 -1.88 6.68 18.67
CA ILE A 304 -0.99 6.89 19.82
C ILE A 304 -0.48 5.54 20.33
N LEU A 305 -1.38 4.56 20.41
CA LEU A 305 -1.03 3.21 20.84
C LEU A 305 -0.13 2.50 19.82
N ILE A 306 -0.36 2.75 18.54
CA ILE A 306 0.51 2.26 17.47
C ILE A 306 1.92 2.87 17.61
N GLY A 307 1.96 4.18 17.84
CA GLY A 307 3.21 4.90 18.03
C GLY A 307 3.98 4.50 19.27
N GLU A 308 3.24 4.24 20.35
CA GLU A 308 3.86 3.81 21.60
C GLU A 308 4.48 2.42 21.45
N THR A 309 3.77 1.53 20.76
CA THR A 309 4.23 0.16 20.52
C THR A 309 5.57 0.14 19.80
N ILE A 310 5.65 0.86 18.68
CA ILE A 310 6.89 0.92 17.87
C ILE A 310 8.04 1.54 18.68
N LYS A 311 7.74 2.59 19.43
CA LYS A 311 8.70 3.20 20.35
C LYS A 311 9.26 2.17 21.34
N ILE A 312 8.36 1.45 22.00
CA ILE A 312 8.76 0.44 23.00
C ILE A 312 9.48 -0.74 22.35
N VAL A 313 9.07 -1.12 21.15
CA VAL A 313 9.73 -2.22 20.44
C VAL A 313 11.16 -1.83 20.03
N ILE A 314 11.30 -0.74 19.28
CA ILE A 314 12.61 -0.26 18.83
C ILE A 314 13.57 0.02 20.01
N GLU A 315 13.11 0.83 20.95
CA GLU A 315 13.99 1.41 21.97
C GLU A 315 14.21 0.52 23.21
N GLU A 316 13.38 -0.50 23.40
CA GLU A 316 13.40 -1.29 24.64
C GLU A 316 13.38 -2.80 24.38
N TYR A 317 12.54 -3.22 23.44
CA TYR A 317 12.37 -4.62 23.08
C TYR A 317 13.58 -5.14 22.30
N VAL A 318 13.85 -4.52 21.14
CA VAL A 318 14.98 -4.89 20.29
C VAL A 318 16.31 -4.65 20.99
N GLN A 319 16.37 -3.59 21.81
CA GLN A 319 17.57 -3.27 22.59
C GLN A 319 18.03 -4.44 23.46
N GLN A 320 17.09 -5.01 24.22
CA GLN A 320 17.34 -6.19 25.05
C GLN A 320 17.75 -7.38 24.19
N LEU A 321 17.06 -7.55 23.07
CA LEU A 321 17.25 -8.68 22.17
C LEU A 321 18.62 -8.67 21.48
N SER A 322 19.02 -7.49 20.99
CA SER A 322 20.26 -7.34 20.23
C SER A 322 21.51 -7.45 21.10
N GLY A 323 21.42 -6.93 22.33
CA GLY A 323 22.54 -6.93 23.26
C GLY A 323 23.61 -5.91 22.90
N TYR A 324 23.21 -4.89 22.13
CA TYR A 324 24.13 -3.85 21.69
C TYR A 324 24.43 -2.84 22.80
N PHE A 325 25.64 -2.31 22.78
CA PHE A 325 26.00 -1.15 23.61
C PHE A 325 25.52 0.14 22.95
N LEU A 326 25.02 0.01 21.71
CA LEU A 326 24.43 1.12 20.97
C LEU A 326 22.98 1.30 21.39
N GLN A 327 22.63 2.52 21.81
CA GLN A 327 21.29 2.81 22.30
C GLN A 327 20.32 3.08 21.14
N LEU A 328 19.69 2.02 20.66
CA LEU A 328 18.70 2.10 19.57
C LEU A 328 17.64 3.14 19.87
N LYS A 329 17.23 3.89 18.85
CA LYS A 329 16.36 5.04 19.02
C LYS A 329 15.27 5.09 17.96
N PHE A 330 14.01 5.23 18.40
CA PHE A 330 12.90 5.39 17.48
C PHE A 330 12.69 6.86 17.09
N ASP A 331 13.18 7.20 15.90
CA ASP A 331 12.97 8.51 15.32
C ASP A 331 12.76 8.36 13.82
N PRO A 332 11.50 8.53 13.37
CA PRO A 332 11.15 8.41 11.95
C PRO A 332 11.83 9.48 11.11
N GLU A 333 12.15 10.62 11.72
CA GLU A 333 12.83 11.74 11.04
C GLU A 333 14.17 11.35 10.40
N LEU A 334 14.72 10.21 10.82
CA LEU A 334 15.99 9.71 10.29
C LEU A 334 15.89 9.27 8.84
N LEU A 335 14.73 8.74 8.45
CA LEU A 335 14.51 8.25 7.09
C LEU A 335 13.89 9.31 6.16
N PHE A 336 13.88 10.55 6.61
CA PHE A 336 13.27 11.65 5.86
C PHE A 336 14.15 12.14 4.72
N GLY A 337 15.44 11.82 4.78
CA GLY A 337 16.39 12.22 3.74
C GLY A 337 16.70 11.13 2.73
N ALA A 338 16.30 9.90 3.04
CA ALA A 338 16.59 8.74 2.20
C ALA A 338 15.34 8.20 1.50
N GLN A 339 15.55 7.30 0.54
CA GLN A 339 14.47 6.65 -0.18
C GLN A 339 13.95 5.45 0.63
N PHE A 340 12.70 5.56 1.07
CA PHE A 340 12.07 4.51 1.87
C PHE A 340 10.60 4.37 1.48
N GLN A 341 10.19 3.13 1.23
CA GLN A 341 8.78 2.85 0.93
C GLN A 341 8.04 2.61 2.23
N TYR A 342 7.04 3.45 2.50
CA TYR A 342 6.24 3.32 3.72
C TYR A 342 5.09 2.32 3.54
N ARG A 343 5.47 1.07 3.31
CA ARG A 343 4.56 -0.07 3.25
C ARG A 343 5.31 -1.33 3.69
N ASN A 344 4.56 -2.34 4.13
CA ASN A 344 5.14 -3.62 4.51
C ASN A 344 4.19 -4.79 4.27
N ARG A 345 4.73 -5.89 3.75
CA ARG A 345 3.98 -7.12 3.56
C ARG A 345 4.69 -8.23 4.32
N ILE A 346 3.96 -8.90 5.21
CA ILE A 346 4.51 -9.93 6.09
C ILE A 346 4.88 -11.18 5.30
N ALA A 347 6.15 -11.58 5.42
CA ALA A 347 6.67 -12.73 4.68
C ALA A 347 6.58 -14.01 5.49
N MET A 348 6.42 -15.13 4.78
CA MET A 348 6.39 -16.46 5.39
C MET A 348 7.72 -16.81 6.06
N GLU A 349 8.80 -16.23 5.54
CA GLU A 349 10.14 -16.38 6.09
C GLU A 349 10.14 -15.85 7.53
N PHE A 350 9.60 -14.65 7.70
CA PHE A 350 9.51 -13.98 8.98
C PHE A 350 8.65 -14.78 9.96
N ASN A 351 7.56 -15.34 9.46
CA ASN A 351 6.69 -16.21 10.23
C ASN A 351 7.48 -17.39 10.79
N GLN A 352 8.22 -18.08 9.91
CA GLN A 352 9.02 -19.25 10.27
C GLN A 352 10.13 -18.87 11.25
N LEU A 353 10.71 -17.69 11.01
CA LEU A 353 11.81 -17.14 11.80
C LEU A 353 11.38 -16.82 13.24
N TYR A 354 10.15 -16.34 13.40
CA TYR A 354 9.67 -15.82 14.68
C TYR A 354 9.03 -16.88 15.56
N HIS A 355 9.35 -18.15 15.31
CA HIS A 355 8.87 -19.25 16.14
C HIS A 355 9.80 -19.49 17.33
N TRP A 356 10.01 -18.44 18.13
CA TRP A 356 10.88 -18.51 19.29
C TRP A 356 10.17 -19.22 20.43
N HIS A 357 10.12 -20.54 20.33
CA HIS A 357 9.44 -21.37 21.32
C HIS A 357 10.29 -21.74 22.55
N PRO A 358 11.63 -21.81 22.40
CA PRO A 358 12.51 -22.14 23.52
C PRO A 358 12.50 -21.16 24.70
N LEU A 359 11.83 -20.01 24.56
CA LEU A 359 11.68 -19.06 25.67
C LEU A 359 10.90 -19.67 26.83
N MET A 360 9.87 -20.44 26.52
CA MET A 360 8.96 -20.99 27.52
C MET A 360 9.62 -22.01 28.44
N PRO A 361 9.66 -21.72 29.75
CA PRO A 361 10.37 -22.52 30.76
C PRO A 361 9.67 -23.85 31.06
N ASP A 362 10.23 -24.61 32.01
CA ASP A 362 9.68 -25.90 32.42
C ASP A 362 8.37 -25.76 33.19
N SER A 363 8.28 -24.72 34.03
CA SER A 363 7.06 -24.38 34.75
C SER A 363 6.88 -22.87 34.76
N PHE A 364 5.77 -22.40 35.33
CA PHE A 364 5.49 -20.97 35.39
C PHE A 364 5.36 -20.49 36.83
N ARG A 365 6.42 -19.85 37.33
CA ARG A 365 6.49 -19.40 38.71
C ARG A 365 5.74 -18.08 38.92
N VAL A 366 4.81 -18.10 39.88
CA VAL A 366 4.10 -16.90 40.30
C VAL A 366 4.34 -16.70 41.80
N GLY A 367 5.37 -15.91 42.13
CA GLY A 367 5.76 -15.65 43.52
C GLY A 367 6.21 -16.92 44.23
N PRO A 368 5.63 -17.19 45.41
CA PRO A 368 5.94 -18.42 46.15
C PRO A 368 5.27 -19.65 45.54
N GLN A 369 4.34 -19.43 44.62
CA GLN A 369 3.61 -20.50 43.96
C GLN A 369 4.23 -20.88 42.61
N ASP A 370 4.24 -22.18 42.34
CA ASP A 370 4.75 -22.73 41.08
C ASP A 370 3.61 -23.41 40.31
N TYR A 371 3.44 -23.03 39.04
CA TYR A 371 2.36 -23.57 38.22
C TYR A 371 2.86 -24.38 37.02
N SER A 372 2.23 -25.54 36.82
CA SER A 372 2.52 -26.42 35.68
C SER A 372 1.84 -25.93 34.41
N TYR A 373 2.19 -26.55 33.28
CA TYR A 373 1.56 -26.25 31.99
C TYR A 373 0.07 -26.56 31.99
N GLU A 374 -0.30 -27.64 32.68
CA GLU A 374 -1.70 -28.06 32.80
C GLU A 374 -2.49 -27.11 33.70
N GLN A 375 -1.77 -26.42 34.58
CA GLN A 375 -2.36 -25.43 35.48
C GLN A 375 -2.38 -24.04 34.84
N PHE A 376 -1.30 -23.69 34.15
CA PHE A 376 -1.14 -22.36 33.55
C PHE A 376 -2.00 -22.15 32.30
N LEU A 377 -1.94 -23.10 31.37
CA LEU A 377 -2.70 -23.00 30.13
C LEU A 377 -4.21 -23.00 30.37
N PHE A 378 -4.91 -22.23 29.53
CA PHE A 378 -6.38 -22.13 29.54
C PHE A 378 -6.98 -21.56 30.83
N ASN A 379 -6.14 -21.28 31.83
CA ASN A 379 -6.62 -20.75 33.11
C ASN A 379 -7.29 -19.40 32.94
N THR A 380 -8.53 -19.29 33.41
CA THR A 380 -9.33 -18.09 33.25
C THR A 380 -9.30 -17.24 34.52
N SER A 381 -9.22 -17.91 35.66
CA SER A 381 -9.27 -17.26 36.97
C SER A 381 -7.96 -16.56 37.35
N MET A 382 -6.84 -17.18 36.95
CA MET A 382 -5.50 -16.73 37.38
C MET A 382 -5.23 -15.24 37.12
N LEU A 383 -5.68 -14.76 35.97
CA LEU A 383 -5.52 -13.36 35.60
C LEU A 383 -6.15 -12.41 36.61
N VAL A 384 -7.36 -12.75 37.06
CA VAL A 384 -8.17 -11.87 37.90
C VAL A 384 -7.72 -11.84 39.35
N ASP A 385 -7.62 -13.02 39.97
CA ASP A 385 -7.36 -13.11 41.42
C ASP A 385 -5.97 -12.62 41.83
N TYR A 386 -4.96 -12.89 41.00
CA TYR A 386 -3.62 -12.35 41.23
C TYR A 386 -3.55 -10.86 40.90
N GLY A 387 -4.22 -10.47 39.83
CA GLY A 387 -4.21 -9.09 39.37
C GLY A 387 -3.14 -8.87 38.32
N VAL A 388 -3.05 -7.64 37.80
CA VAL A 388 -2.06 -7.30 36.78
C VAL A 388 -0.69 -7.08 37.42
N GLU A 389 -0.64 -6.17 38.39
CA GLU A 389 0.60 -5.75 39.06
C GLU A 389 1.39 -6.90 39.71
N ALA A 390 0.68 -7.82 40.34
CA ALA A 390 1.34 -8.97 40.98
C ALA A 390 1.81 -10.01 39.97
N LEU A 391 1.10 -10.12 38.85
CA LEU A 391 1.41 -11.10 37.82
C LEU A 391 2.52 -10.64 36.89
N VAL A 392 2.55 -9.34 36.59
CA VAL A 392 3.62 -8.73 35.81
C VAL A 392 4.96 -8.89 36.51
N ASP A 393 4.97 -8.62 37.82
CA ASP A 393 6.15 -8.78 38.67
C ASP A 393 6.72 -10.21 38.59
N ALA A 394 5.82 -11.19 38.47
CA ALA A 394 6.20 -12.60 38.41
C ALA A 394 6.89 -12.98 37.11
N PHE A 395 6.40 -12.44 35.98
CA PHE A 395 6.98 -12.73 34.67
C PHE A 395 8.27 -11.95 34.43
N SER A 396 8.39 -10.80 35.10
CA SER A 396 9.57 -9.95 34.99
C SER A 396 10.75 -10.50 35.83
N ARG A 397 10.43 -11.42 36.74
CA ARG A 397 11.43 -11.99 37.63
C ARG A 397 11.93 -13.37 37.18
N GLN A 398 11.10 -14.10 36.45
CA GLN A 398 11.44 -15.45 36.01
C GLN A 398 12.23 -15.45 34.71
N PRO A 399 13.38 -16.16 34.68
CA PRO A 399 14.25 -16.19 33.51
C PRO A 399 13.66 -16.98 32.35
N ALA A 400 13.80 -16.44 31.13
CA ALA A 400 13.36 -17.12 29.91
C ALA A 400 14.49 -17.97 29.31
N GLY A 401 14.12 -18.88 28.41
CA GLY A 401 15.07 -19.82 27.82
C GLY A 401 15.94 -19.25 26.70
N ARG A 402 16.92 -20.04 26.29
CA ARG A 402 17.83 -19.68 25.21
C ARG A 402 17.27 -20.19 23.88
N ILE A 403 17.05 -19.26 22.94
CA ILE A 403 16.44 -19.58 21.64
C ILE A 403 17.37 -20.41 20.76
N GLY A 404 18.59 -19.90 20.53
CA GLY A 404 19.58 -20.61 19.73
C GLY A 404 20.31 -21.69 20.52
N GLY A 405 21.14 -22.45 19.82
CA GLY A 405 21.92 -23.52 20.45
C GLY A 405 21.32 -24.89 20.24
N GLY A 406 19.99 -24.98 20.36
CA GLY A 406 19.27 -26.24 20.18
C GLY A 406 18.96 -26.94 21.49
N ARG A 407 18.13 -27.98 21.40
CA ARG A 407 17.71 -28.79 22.55
C ARG A 407 17.17 -27.96 23.71
N ASN A 408 16.25 -27.06 23.42
CA ASN A 408 15.75 -26.14 24.44
C ASN A 408 14.25 -25.80 24.37
N ILE A 409 13.48 -26.58 23.61
CA ILE A 409 12.02 -26.42 23.60
C ILE A 409 11.31 -27.53 24.40
N ASP A 410 10.52 -27.09 25.38
CA ASP A 410 9.73 -27.95 26.26
C ASP A 410 8.86 -28.94 25.48
N HIS A 411 8.63 -30.11 26.09
CA HIS A 411 7.90 -31.20 25.44
C HIS A 411 6.41 -30.91 25.21
N HIS A 412 5.82 -30.10 26.08
CA HIS A 412 4.41 -29.72 25.97
C HIS A 412 4.14 -28.96 24.67
N ILE A 413 5.07 -28.09 24.28
CA ILE A 413 4.91 -27.25 23.09
C ILE A 413 5.84 -27.72 21.96
N LEU A 414 6.18 -29.01 21.98
CA LEU A 414 7.05 -29.59 20.96
C LEU A 414 6.27 -29.89 19.69
N HIS A 415 4.96 -30.06 19.85
CA HIS A 415 4.06 -30.38 18.73
C HIS A 415 3.92 -29.23 17.73
N VAL A 416 4.42 -28.05 18.09
CA VAL A 416 4.41 -26.89 17.21
C VAL A 416 5.64 -26.90 16.31
N ALA A 417 6.77 -27.32 16.88
CA ALA A 417 8.05 -27.39 16.15
C ALA A 417 7.95 -28.28 14.92
N VAL A 418 7.32 -29.45 15.08
CA VAL A 418 7.10 -30.38 13.97
C VAL A 418 6.20 -29.81 12.88
N ASP A 419 5.18 -29.06 13.29
CA ASP A 419 4.25 -28.41 12.36
C ASP A 419 4.95 -27.37 11.49
N VAL A 420 5.88 -26.62 12.11
CA VAL A 420 6.69 -25.63 11.41
C VAL A 420 7.57 -26.28 10.33
N ILE A 421 8.25 -27.37 10.70
CA ILE A 421 9.12 -28.11 9.77
C ILE A 421 8.29 -28.78 8.65
N LYS A 422 7.12 -29.28 8.99
CA LYS A 422 6.22 -29.91 8.01
C LYS A 422 5.61 -28.87 7.07
N GLU A 423 5.24 -27.71 7.62
CA GLU A 423 4.61 -26.64 6.84
C GLU A 423 5.62 -25.98 5.89
N SER A 424 6.89 -25.98 6.29
CA SER A 424 7.99 -25.47 5.48
C SER A 424 8.12 -26.26 4.17
N ARG A 425 7.95 -27.58 4.27
CA ARG A 425 7.99 -28.48 3.12
C ARG A 425 6.77 -28.29 2.21
N VAL A 426 5.64 -27.91 2.80
CA VAL A 426 4.42 -27.57 2.06
C VAL A 426 4.62 -26.24 1.31
N LEU A 427 5.31 -25.30 1.96
CA LEU A 427 5.66 -24.02 1.34
C LEU A 427 6.77 -24.16 0.31
N ARG A 428 7.53 -25.26 0.41
CA ARG A 428 8.68 -25.54 -0.46
C ARG A 428 9.76 -24.46 -0.37
N LEU A 429 10.18 -24.16 0.87
CA LEU A 429 11.23 -23.18 1.13
C LEU A 429 12.61 -23.69 0.73
N GLN A 430 13.43 -22.78 0.19
CA GLN A 430 14.80 -23.09 -0.22
C GLN A 430 15.68 -23.41 1.00
N PRO A 431 16.78 -24.17 0.78
CA PRO A 431 17.68 -24.55 1.86
C PRO A 431 18.31 -23.37 2.61
N PHE A 432 18.80 -23.65 3.82
CA PHE A 432 19.37 -22.65 4.71
C PHE A 432 20.52 -21.84 4.10
N ASN A 433 21.40 -22.52 3.36
CA ASN A 433 22.55 -21.88 2.70
C ASN A 433 22.16 -20.87 1.63
N GLU A 434 21.02 -21.08 0.98
CA GLU A 434 20.51 -20.14 -0.02
C GLU A 434 19.92 -18.90 0.64
N TYR A 435 19.38 -19.07 1.85
CA TYR A 435 18.84 -17.95 2.62
C TYR A 435 19.94 -17.11 3.29
N ARG A 436 21.11 -17.73 3.50
CA ARG A 436 22.27 -17.00 3.98
C ARG A 436 22.86 -16.11 2.87
N LYS A 437 22.88 -16.63 1.64
CA LYS A 437 23.37 -15.89 0.48
C LYS A 437 22.55 -14.62 0.23
N ARG A 438 21.24 -14.73 0.39
CA ARG A 438 20.33 -13.62 0.19
C ARG A 438 20.53 -12.52 1.24
N PHE A 439 20.79 -12.92 2.47
CA PHE A 439 21.00 -11.96 3.56
C PHE A 439 22.48 -11.63 3.81
N GLY A 440 23.24 -11.56 2.72
CA GLY A 440 24.62 -11.08 2.75
C GLY A 440 25.59 -11.84 3.63
N MET A 441 25.47 -13.16 3.64
CA MET A 441 26.37 -14.04 4.40
C MET A 441 26.98 -15.10 3.49
N LYS A 442 28.02 -15.77 4.01
CA LYS A 442 28.65 -16.88 3.32
C LYS A 442 27.92 -18.19 3.65
N PRO A 443 27.69 -19.04 2.64
CA PRO A 443 27.10 -20.37 2.90
C PRO A 443 28.06 -21.25 3.69
N TYR A 444 27.51 -22.09 4.56
CA TYR A 444 28.32 -23.02 5.36
C TYR A 444 28.83 -24.18 4.50
N THR A 445 30.13 -24.45 4.62
CA THR A 445 30.79 -25.49 3.84
C THR A 445 30.50 -26.91 4.38
N SER A 446 30.32 -27.01 5.69
CA SER A 446 30.06 -28.29 6.34
C SER A 446 29.06 -28.17 7.48
N PHE A 447 28.72 -29.29 8.09
CA PHE A 447 27.87 -29.32 9.28
C PHE A 447 28.66 -28.97 10.55
N GLN A 448 29.99 -29.13 10.49
CA GLN A 448 30.87 -28.72 11.58
C GLN A 448 30.87 -27.21 11.78
N GLU A 449 30.89 -26.48 10.67
CA GLU A 449 30.93 -25.01 10.70
C GLU A 449 29.62 -24.40 11.19
N LEU A 450 28.52 -25.13 11.02
CA LEU A 450 27.20 -24.69 11.47
C LEU A 450 27.05 -24.72 12.99
N THR A 451 27.42 -25.84 13.61
CA THR A 451 27.17 -26.06 15.04
C THR A 451 28.38 -25.81 15.94
N GLY A 452 29.59 -25.93 15.36
CA GLY A 452 30.83 -25.82 16.14
C GLY A 452 31.09 -27.07 16.94
N GLU A 453 30.02 -27.65 17.49
CA GLU A 453 30.06 -28.90 18.24
C GLU A 453 30.32 -30.09 17.29
N LYS A 454 30.79 -31.21 17.83
CA LYS A 454 31.18 -32.37 17.02
C LYS A 454 30.09 -33.42 16.87
N GLU A 455 29.48 -33.83 17.99
CA GLU A 455 28.52 -34.94 18.01
C GLU A 455 27.24 -34.69 17.21
N MET A 456 26.58 -33.58 17.48
CA MET A 456 25.33 -33.22 16.82
C MET A 456 25.53 -32.94 15.33
N ALA A 457 26.75 -32.53 14.97
CA ALA A 457 27.12 -32.26 13.58
C ALA A 457 27.21 -33.52 12.72
N ALA A 458 27.75 -34.59 13.31
CA ALA A 458 27.91 -35.87 12.62
C ALA A 458 26.57 -36.53 12.28
N GLU A 459 25.60 -36.37 13.18
CA GLU A 459 24.26 -36.93 12.99
C GLU A 459 23.48 -36.18 11.91
N LEU A 460 23.69 -34.87 11.81
CA LEU A 460 23.08 -34.04 10.76
C LEU A 460 23.64 -34.35 9.37
N GLU A 461 24.92 -34.72 9.32
CA GLU A 461 25.57 -35.17 8.09
C GLU A 461 24.84 -36.37 7.48
N GLU A 462 24.60 -37.37 8.33
CA GLU A 462 24.05 -38.65 7.90
C GLU A 462 22.60 -38.55 7.46
N LEU A 463 21.87 -37.61 8.06
CA LEU A 463 20.45 -37.42 7.74
C LEU A 463 20.25 -36.62 6.45
N TYR A 464 20.82 -35.41 6.40
CA TYR A 464 20.62 -34.50 5.28
C TYR A 464 21.46 -34.82 4.04
N GLY A 465 22.60 -35.47 4.25
CA GLY A 465 23.49 -35.85 3.16
C GLY A 465 24.45 -34.74 2.77
N ASP A 466 23.90 -33.59 2.39
CA ASP A 466 24.66 -32.40 2.03
C ASP A 466 24.26 -31.25 2.93
N ILE A 467 25.17 -30.30 3.15
CA ILE A 467 24.88 -29.07 3.89
C ILE A 467 23.92 -28.16 3.12
N ASP A 468 24.00 -28.19 1.80
CA ASP A 468 23.11 -27.43 0.93
C ASP A 468 21.71 -28.03 0.85
N ALA A 469 21.46 -29.05 1.67
CA ALA A 469 20.16 -29.69 1.76
C ALA A 469 19.46 -29.37 3.09
N LEU A 470 20.20 -28.79 4.04
CA LEU A 470 19.68 -28.41 5.35
C LEU A 470 18.53 -27.41 5.24
N GLU A 471 17.48 -27.63 6.03
CA GLU A 471 16.27 -26.82 5.98
C GLU A 471 16.41 -25.47 6.68
N PHE A 472 15.47 -24.57 6.39
CA PHE A 472 15.50 -23.18 6.88
C PHE A 472 15.34 -23.05 8.40
N TYR A 473 14.28 -23.65 8.94
CA TYR A 473 13.96 -23.53 10.37
C TYR A 473 14.92 -24.30 11.30
N PRO A 474 15.29 -25.55 10.95
CA PRO A 474 16.29 -26.26 11.75
C PRO A 474 17.65 -25.56 11.74
N GLY A 475 18.01 -24.98 10.60
CA GLY A 475 19.27 -24.26 10.45
C GLY A 475 19.46 -23.16 11.49
N LEU A 476 18.45 -22.33 11.66
CA LEU A 476 18.47 -21.23 12.62
C LEU A 476 18.52 -21.73 14.06
N LEU A 477 17.75 -22.80 14.33
CA LEU A 477 17.61 -23.34 15.68
C LEU A 477 18.79 -24.20 16.13
N LEU A 478 19.68 -24.54 15.20
CA LEU A 478 20.83 -25.40 15.49
C LEU A 478 22.18 -24.72 15.20
N GLU A 479 22.14 -23.47 14.74
CA GLU A 479 23.35 -22.70 14.47
C GLU A 479 24.09 -22.38 15.76
N LYS A 480 25.42 -22.48 15.72
CA LYS A 480 26.29 -22.18 16.87
C LYS A 480 25.96 -20.83 17.50
N CYS A 481 25.98 -20.79 18.82
CA CYS A 481 25.58 -19.60 19.56
C CYS A 481 26.77 -19.06 20.36
N HIS A 482 27.16 -17.84 20.03
CA HIS A 482 28.31 -17.16 20.66
C HIS A 482 28.04 -16.88 22.15
N PRO A 483 28.80 -17.55 23.04
CA PRO A 483 28.63 -17.71 24.49
C PRO A 483 27.59 -16.83 25.18
N ASN A 484 27.69 -15.51 25.05
CA ASN A 484 26.80 -14.60 25.79
C ASN A 484 25.67 -13.98 24.95
N SER A 485 25.11 -14.77 24.03
CA SER A 485 24.02 -14.30 23.18
C SER A 485 22.80 -15.23 23.21
N ILE A 486 21.64 -14.70 22.81
CA ILE A 486 20.38 -15.44 22.85
C ILE A 486 20.18 -16.39 21.67
N PHE A 487 20.65 -16.00 20.50
CA PHE A 487 20.64 -16.87 19.32
C PHE A 487 21.85 -16.65 18.40
N GLY A 488 21.92 -17.44 17.32
CA GLY A 488 23.02 -17.36 16.36
C GLY A 488 22.96 -16.13 15.47
N GLU A 489 24.05 -15.90 14.72
CA GLU A 489 24.17 -14.69 13.88
C GLU A 489 23.08 -14.56 12.83
N SER A 490 22.71 -15.69 12.20
CA SER A 490 21.72 -15.69 11.13
C SER A 490 20.38 -15.10 11.56
N MET A 491 20.00 -15.37 12.80
CA MET A 491 18.76 -14.84 13.36
C MET A 491 18.72 -13.31 13.34
N ILE A 492 19.84 -12.68 13.67
CA ILE A 492 19.95 -11.22 13.64
C ILE A 492 19.98 -10.71 12.20
N GLU A 493 20.83 -11.33 11.37
CA GLU A 493 21.04 -10.90 9.99
C GLU A 493 19.80 -11.07 9.11
N MET A 494 18.88 -11.94 9.54
CA MET A 494 17.64 -12.17 8.81
C MET A 494 16.44 -11.51 9.50
N GLY A 495 16.43 -11.55 10.83
CA GLY A 495 15.34 -10.98 11.64
C GLY A 495 15.25 -9.47 11.61
N ALA A 496 16.38 -8.81 11.84
CA ALA A 496 16.45 -7.34 11.87
C ALA A 496 15.90 -6.65 10.60
N PRO A 497 16.25 -7.16 9.39
CA PRO A 497 15.63 -6.60 8.18
C PRO A 497 14.11 -6.58 8.26
N PHE A 498 13.49 -7.74 8.43
CA PHE A 498 12.04 -7.85 8.53
C PHE A 498 11.47 -6.95 9.63
N SER A 499 12.07 -7.07 10.82
CA SER A 499 11.64 -6.33 12.01
C SER A 499 11.64 -4.82 11.76
N LEU A 500 12.82 -4.27 11.45
CA LEU A 500 12.97 -2.83 11.26
C LEU A 500 12.15 -2.28 10.10
N LYS A 501 12.00 -3.09 9.04
CA LYS A 501 11.19 -2.69 7.89
C LYS A 501 9.72 -2.56 8.27
N GLY A 502 9.21 -3.52 9.04
CA GLY A 502 7.82 -3.51 9.47
C GLY A 502 7.51 -2.44 10.50
N LEU A 503 8.49 -2.12 11.33
CA LEU A 503 8.33 -1.14 12.39
C LEU A 503 8.38 0.30 11.86
N LEU A 504 9.29 0.54 10.92
CA LEU A 504 9.45 1.88 10.32
C LEU A 504 8.63 2.04 9.04
N GLY A 505 8.22 0.91 8.45
CA GLY A 505 7.40 0.91 7.24
C GLY A 505 5.94 1.26 7.50
N ASN A 506 5.61 1.42 8.79
CA ASN A 506 4.29 1.88 9.20
C ASN A 506 4.02 3.28 8.65
N PRO A 507 2.79 3.54 8.18
CA PRO A 507 2.43 4.86 7.66
C PRO A 507 2.60 6.00 8.64
N ILE A 508 2.49 5.73 9.95
CA ILE A 508 2.65 6.77 10.96
C ILE A 508 4.07 7.33 11.03
N CYS A 509 5.02 6.60 10.43
CA CYS A 509 6.42 7.02 10.36
C CYS A 509 6.71 7.88 9.14
N SER A 510 5.76 7.95 8.22
CA SER A 510 5.89 8.77 7.01
C SER A 510 5.79 10.26 7.33
N PRO A 511 6.38 11.13 6.47
CA PRO A 511 6.31 12.58 6.64
C PRO A 511 4.89 13.14 6.76
N GLU A 512 3.95 12.57 6.01
CA GLU A 512 2.57 13.04 6.01
C GLU A 512 1.83 12.71 7.30
N TYR A 513 2.31 11.70 8.02
CA TYR A 513 1.66 11.25 9.24
C TYR A 513 2.38 11.72 10.50
N TRP A 514 3.70 11.68 10.49
CA TRP A 514 4.51 12.00 11.67
C TRP A 514 4.46 13.50 12.00
N LYS A 515 3.37 13.90 12.65
CA LYS A 515 3.15 15.28 13.08
C LYS A 515 2.14 15.32 14.22
N ALA A 516 2.15 16.42 14.98
CA ALA A 516 1.32 16.56 16.18
C ALA A 516 -0.19 16.37 15.94
N SER A 517 -0.68 16.85 14.80
CA SER A 517 -2.10 16.76 14.44
C SER A 517 -2.64 15.34 14.49
N THR A 518 -1.87 14.40 13.94
CA THR A 518 -2.23 12.99 13.87
C THR A 518 -2.55 12.40 15.24
N PHE A 519 -1.90 12.94 16.27
CA PHE A 519 -2.03 12.44 17.63
C PHE A 519 -2.77 13.44 18.53
N GLY A 520 -3.58 14.29 17.91
CA GLY A 520 -4.44 15.23 18.63
C GLY A 520 -3.71 16.37 19.32
N GLY A 521 -2.49 16.67 18.87
CA GLY A 521 -1.71 17.76 19.43
C GLY A 521 -0.43 17.32 20.12
N GLU A 522 0.16 18.23 20.88
CA GLU A 522 1.44 17.99 21.56
C GLU A 522 1.33 16.89 22.61
N VAL A 523 0.22 16.88 23.35
CA VAL A 523 0.00 15.90 24.43
C VAL A 523 0.06 14.46 23.92
N GLY A 524 -0.63 14.18 22.83
CA GLY A 524 -0.61 12.85 22.22
C GLY A 524 0.73 12.53 21.58
N PHE A 525 1.36 13.53 20.98
CA PHE A 525 2.63 13.35 20.28
C PHE A 525 3.78 13.01 21.23
N ASN A 526 3.78 13.62 22.40
CA ASN A 526 4.78 13.32 23.44
C ASN A 526 4.58 11.93 24.05
N LEU A 527 3.33 11.51 24.17
CA LEU A 527 2.99 10.16 24.65
C LEU A 527 3.62 9.08 23.79
N VAL A 528 3.63 9.31 22.47
CA VAL A 528 4.28 8.41 21.52
C VAL A 528 5.80 8.40 21.72
N LYS A 529 6.36 9.58 22.01
CA LYS A 529 7.81 9.79 22.05
C LYS A 529 8.48 9.48 23.40
N THR A 530 7.69 9.42 24.48
CA THR A 530 8.23 9.22 25.82
C THR A 530 7.77 7.91 26.44
N ALA A 531 7.18 7.03 25.62
CA ALA A 531 6.65 5.76 26.09
C ALA A 531 7.74 4.74 26.45
N THR A 532 7.58 4.11 27.61
CA THR A 532 8.42 3.01 28.05
C THR A 532 7.54 1.91 28.65
N LEU A 533 8.03 0.67 28.61
CA LEU A 533 7.31 -0.48 29.16
C LEU A 533 6.92 -0.27 30.62
N LYS A 534 7.80 0.39 31.38
CA LYS A 534 7.54 0.77 32.78
C LYS A 534 6.34 1.72 32.90
N LYS A 535 6.27 2.72 32.01
CA LYS A 535 5.16 3.68 32.02
C LYS A 535 3.88 3.09 31.42
N LEU A 536 4.01 2.01 30.66
CA LEU A 536 2.85 1.33 30.07
C LEU A 536 2.05 0.58 31.13
N VAL A 537 2.74 0.08 32.14
CA VAL A 537 2.12 -0.74 33.18
C VAL A 537 1.79 0.08 34.42
N CYS A 538 2.81 0.73 35.00
CA CYS A 538 2.68 1.42 36.29
C CYS A 538 1.74 2.62 36.28
N LEU A 539 1.56 3.22 35.10
CA LEU A 539 0.65 4.35 34.96
C LEU A 539 -0.79 3.88 34.85
N ASN A 540 -0.96 2.57 34.65
CA ASN A 540 -2.28 1.96 34.55
C ASN A 540 -2.68 1.16 35.80
N THR A 541 -1.69 0.69 36.55
CA THR A 541 -1.94 -0.11 37.76
C THR A 541 -2.14 0.75 39.02
N LYS A 542 -2.09 0.11 40.18
CA LYS A 542 -2.26 0.80 41.47
C LYS A 542 -0.95 0.89 42.25
N THR A 543 -0.15 -0.17 42.16
CA THR A 543 1.20 -0.19 42.71
C THR A 543 2.17 -0.57 41.61
N CYS A 544 3.32 0.10 41.57
CA CYS A 544 4.31 -0.13 40.51
C CYS A 544 5.31 -1.22 40.91
N PRO A 545 5.24 -2.39 40.25
CA PRO A 545 6.14 -3.51 40.52
C PRO A 545 7.34 -3.52 39.57
N TYR A 546 8.20 -4.54 39.68
CA TYR A 546 9.31 -4.70 38.75
C TYR A 546 8.80 -5.03 37.36
N VAL A 547 9.26 -4.26 36.38
CA VAL A 547 8.84 -4.44 34.99
C VAL A 547 9.95 -4.06 34.01
N SER A 548 10.49 -5.08 33.35
CA SER A 548 11.49 -4.92 32.29
C SER A 548 11.59 -6.21 31.47
N PHE A 549 12.34 -6.15 30.38
CA PHE A 549 12.57 -7.32 29.53
C PHE A 549 13.76 -8.16 30.02
N HIS A 550 14.30 -7.79 31.18
CA HIS A 550 15.44 -8.49 31.78
C HIS A 550 15.21 -8.76 33.27
N VAL A 551 15.77 -9.88 33.75
CA VAL A 551 15.64 -10.27 35.15
C VAL A 551 16.37 -9.31 36.09
N PRO A 552 15.86 -9.15 37.33
CA PRO A 552 16.50 -8.20 38.26
C PRO A 552 17.82 -8.72 38.82
N ASP A 553 18.94 -8.17 38.31
CA ASP A 553 20.26 -8.59 38.74
C ASP A 553 21.26 -7.43 38.67
N PRO B 1 -20.82 27.89 20.26
CA PRO B 1 -19.79 28.70 19.62
C PRO B 1 -19.49 28.21 18.20
N VAL B 2 -19.33 29.15 17.27
CA VAL B 2 -19.01 28.83 15.87
C VAL B 2 -17.66 28.10 15.75
N ASN B 3 -17.65 27.01 14.97
CA ASN B 3 -16.45 26.21 14.74
C ASN B 3 -15.39 27.01 13.98
N PRO B 4 -14.22 27.23 14.62
CA PRO B 4 -13.15 28.06 14.06
C PRO B 4 -12.60 27.55 12.72
N CYS B 5 -12.66 26.24 12.48
CA CYS B 5 -12.14 25.67 11.23
C CYS B 5 -13.08 25.90 10.02
N CYS B 6 -14.22 26.55 10.25
CA CYS B 6 -15.14 26.92 9.18
C CYS B 6 -14.63 28.14 8.38
N TYR B 7 -13.74 28.90 9.00
CA TYR B 7 -13.14 30.08 8.38
C TYR B 7 -11.94 29.71 7.51
N TYR B 8 -11.48 28.47 7.64
CA TYR B 8 -10.25 27.96 7.01
C TYR B 8 -9.05 28.87 7.34
N PRO B 9 -8.71 28.96 8.65
CA PRO B 9 -7.69 29.91 9.09
C PRO B 9 -6.28 29.50 8.74
N CYS B 10 -6.06 28.20 8.60
CA CYS B 10 -4.75 27.63 8.36
C CYS B 10 -4.36 27.71 6.89
N GLN B 11 -3.41 28.60 6.60
CA GLN B 11 -2.95 28.82 5.24
C GLN B 11 -2.01 27.71 4.79
N HIS B 12 -1.97 27.49 3.47
CA HIS B 12 -1.19 26.40 2.87
C HIS B 12 -1.64 25.05 3.42
N GLN B 13 -0.75 24.06 3.45
CA GLN B 13 -1.15 22.72 3.85
C GLN B 13 -1.25 22.53 5.37
N GLY B 14 -1.51 23.62 6.10
CA GLY B 14 -1.62 23.60 7.55
C GLY B 14 -2.90 22.96 8.05
N ILE B 15 -2.78 22.16 9.11
CA ILE B 15 -3.91 21.40 9.64
C ILE B 15 -4.63 22.15 10.76
N CYS B 16 -5.95 22.31 10.60
CA CYS B 16 -6.79 22.95 11.62
C CYS B 16 -7.26 21.93 12.64
N VAL B 17 -6.73 22.03 13.86
CA VAL B 17 -7.16 21.18 14.97
C VAL B 17 -7.92 22.04 15.98
N ARG B 18 -9.01 21.49 16.51
CA ARG B 18 -9.85 22.21 17.44
C ARG B 18 -9.51 21.86 18.89
N PHE B 19 -9.21 22.89 19.68
CA PHE B 19 -8.88 22.74 21.10
C PHE B 19 -9.92 23.43 21.97
N GLY B 20 -10.18 22.86 23.15
CA GLY B 20 -11.12 23.46 24.11
C GLY B 20 -12.53 23.64 23.57
N LEU B 21 -13.22 24.65 24.08
CA LEU B 21 -14.61 24.92 23.70
C LEU B 21 -14.71 25.71 22.39
N ASP B 22 -14.16 26.92 22.40
CA ASP B 22 -14.29 27.86 21.29
C ASP B 22 -12.95 28.24 20.67
N ARG B 23 -11.94 27.41 20.90
CA ARG B 23 -10.58 27.68 20.42
C ARG B 23 -10.13 26.72 19.34
N TYR B 24 -8.96 27.02 18.75
CA TYR B 24 -8.31 26.16 17.78
C TYR B 24 -6.80 26.40 17.80
N GLN B 25 -6.05 25.40 17.35
CA GLN B 25 -4.62 25.54 17.16
C GLN B 25 -4.24 25.00 15.79
N CYS B 26 -3.22 25.61 15.19
CA CYS B 26 -2.85 25.32 13.82
C CYS B 26 -1.48 24.66 13.74
N ASP B 27 -1.43 23.50 13.10
CA ASP B 27 -0.22 22.69 13.02
C ASP B 27 0.47 22.86 11.66
N CYS B 28 1.57 23.61 11.67
CA CYS B 28 2.28 23.97 10.45
C CYS B 28 3.62 23.24 10.29
N THR B 29 3.60 21.94 10.54
CA THR B 29 4.79 21.11 10.41
C THR B 29 5.09 20.83 8.94
N ARG B 30 6.35 21.04 8.55
CA ARG B 30 6.86 20.75 7.21
C ARG B 30 6.10 21.42 6.05
N THR B 31 5.37 22.50 6.34
CA THR B 31 4.67 23.26 5.32
C THR B 31 5.53 24.42 4.82
N GLY B 32 6.65 24.65 5.50
CA GLY B 32 7.57 25.74 5.16
C GLY B 32 7.21 27.05 5.83
N TYR B 33 6.08 27.05 6.54
CA TYR B 33 5.57 28.26 7.18
C TYR B 33 5.50 28.15 8.70
N SER B 34 5.48 29.31 9.35
CA SER B 34 5.48 29.41 10.80
C SER B 34 4.37 30.35 11.27
N GLY B 35 4.09 30.35 12.57
CA GLY B 35 3.11 31.25 13.17
C GLY B 35 1.81 30.58 13.55
N PRO B 36 0.86 31.36 14.10
CA PRO B 36 -0.44 30.81 14.51
C PRO B 36 -1.35 30.41 13.34
N ASN B 37 -1.05 30.90 12.13
CA ASN B 37 -1.89 30.65 10.96
C ASN B 37 -1.16 30.10 9.72
N CYS B 38 0.16 29.88 9.85
CA CYS B 38 1.03 29.43 8.75
C CYS B 38 1.23 30.53 7.69
N THR B 39 1.65 31.71 8.14
CA THR B 39 1.81 32.86 7.25
C THR B 39 3.24 33.41 7.21
N ILE B 40 3.99 33.19 8.28
CA ILE B 40 5.39 33.62 8.34
C ILE B 40 6.30 32.59 7.66
N PRO B 41 6.93 32.98 6.53
CA PRO B 41 7.75 32.02 5.77
C PRO B 41 9.15 31.83 6.34
N GLU B 42 9.73 30.65 6.09
CA GLU B 42 11.12 30.37 6.46
C GLU B 42 12.07 30.95 5.41
N ILE B 43 13.36 30.98 5.72
CA ILE B 43 14.38 31.51 4.80
C ILE B 43 14.22 30.98 3.38
N TRP B 44 14.14 29.66 3.25
CA TRP B 44 14.04 29.01 1.94
C TRP B 44 12.72 29.26 1.24
N THR B 45 11.61 29.16 1.97
CA THR B 45 10.28 29.40 1.43
C THR B 45 10.14 30.83 0.91
N TRP B 46 10.65 31.79 1.67
CA TRP B 46 10.65 33.21 1.29
C TRP B 46 11.47 33.45 0.02
N LEU B 47 12.55 32.71 -0.12
CA LEU B 47 13.38 32.75 -1.33
C LEU B 47 12.65 32.10 -2.50
N ARG B 48 12.12 30.90 -2.26
CA ARG B 48 11.44 30.10 -3.29
C ARG B 48 10.21 30.80 -3.86
N THR B 49 9.46 31.49 -3.00
CA THR B 49 8.22 32.14 -3.40
C THR B 49 8.41 33.41 -4.25
N THR B 50 9.55 34.09 -4.06
CA THR B 50 9.86 35.30 -4.82
C THR B 50 10.46 34.96 -6.18
N LEU B 51 11.22 33.86 -6.24
CA LEU B 51 11.81 33.39 -7.49
C LEU B 51 10.88 32.47 -8.28
N ARG B 52 9.74 32.11 -7.70
CA ARG B 52 8.75 31.27 -8.38
C ARG B 52 7.83 32.09 -9.28
N PRO B 53 7.80 31.75 -10.59
CA PRO B 53 6.89 32.40 -11.53
C PRO B 53 5.46 31.85 -11.41
N SER B 54 4.48 32.67 -11.81
CA SER B 54 3.07 32.28 -11.78
C SER B 54 2.78 31.17 -12.79
N PRO B 55 1.93 30.19 -12.42
CA PRO B 55 1.60 29.03 -13.27
C PRO B 55 1.22 29.36 -14.71
N SER B 56 0.64 30.55 -14.92
CA SER B 56 0.26 31.02 -16.26
C SER B 56 1.47 31.39 -17.11
N PHE B 57 2.56 31.82 -16.46
CA PHE B 57 3.81 32.15 -17.13
C PHE B 57 4.53 30.89 -17.63
N ILE B 58 4.54 29.83 -16.81
CA ILE B 58 5.19 28.57 -17.19
C ILE B 58 4.43 27.86 -18.32
N HIS B 59 3.09 27.89 -18.23
CA HIS B 59 2.25 27.34 -19.29
C HIS B 59 2.52 28.04 -20.62
N PHE B 60 2.77 29.35 -20.56
CA PHE B 60 3.15 30.13 -21.74
C PHE B 60 4.46 29.63 -22.36
N LEU B 61 5.44 29.35 -21.51
CA LEU B 61 6.74 28.84 -21.97
C LEU B 61 6.62 27.47 -22.61
N LEU B 62 5.80 26.60 -22.00
CA LEU B 62 5.61 25.24 -22.46
C LEU B 62 4.78 25.15 -23.75
N THR B 63 4.02 26.19 -24.03
CA THR B 63 3.13 26.21 -25.21
C THR B 63 3.51 27.27 -26.25
N HIS B 64 4.76 27.73 -26.22
CA HIS B 64 5.25 28.71 -27.19
C HIS B 64 6.71 28.48 -27.57
N GLY B 65 7.10 29.02 -28.73
CA GLY B 65 8.47 28.95 -29.22
C GLY B 65 8.94 27.54 -29.56
N ARG B 66 8.57 27.07 -30.73
CA ARG B 66 8.91 25.71 -31.19
C ARG B 66 10.42 25.49 -31.29
N TRP B 67 11.13 26.55 -31.69
CA TRP B 67 12.58 26.51 -31.88
C TRP B 67 13.37 26.09 -30.63
N LEU B 68 13.03 26.68 -29.50
CA LEU B 68 13.69 26.38 -28.22
C LEU B 68 13.43 24.94 -27.79
N TRP B 69 12.21 24.46 -28.03
CA TRP B 69 11.81 23.12 -27.61
C TRP B 69 12.31 22.02 -28.53
N ASP B 70 12.70 22.37 -29.75
CA ASP B 70 13.34 21.43 -30.67
C ASP B 70 14.75 21.09 -30.19
N PHE B 71 15.40 22.08 -29.57
CA PHE B 71 16.72 21.89 -28.96
C PHE B 71 16.61 21.10 -27.65
N VAL B 72 15.54 21.34 -26.90
CA VAL B 72 15.33 20.68 -25.61
C VAL B 72 14.98 19.20 -25.77
N ASN B 73 14.11 18.89 -26.73
CA ASN B 73 13.65 17.52 -26.94
C ASN B 73 14.72 16.57 -27.48
N ALA B 74 15.73 17.14 -28.14
CA ALA B 74 16.83 16.36 -28.70
C ALA B 74 18.02 16.24 -27.72
N THR B 75 17.88 16.84 -26.54
CA THR B 75 18.94 16.78 -25.53
C THR B 75 18.45 16.17 -24.21
N PHE B 76 19.33 16.11 -23.22
CA PHE B 76 19.01 15.58 -21.90
C PHE B 76 18.10 16.52 -21.10
N ILE B 77 17.98 17.76 -21.56
CA ILE B 77 17.08 18.75 -20.94
C ILE B 77 15.66 18.20 -20.91
N ARG B 78 15.33 17.36 -21.89
CA ARG B 78 14.06 16.64 -21.93
C ARG B 78 13.85 15.80 -20.67
N ASP B 79 14.93 15.15 -20.21
CA ASP B 79 14.88 14.30 -19.04
C ASP B 79 14.87 15.12 -17.74
N THR B 80 15.76 16.11 -17.67
CA THR B 80 15.85 17.00 -16.50
C THR B 80 14.51 17.67 -16.19
N LEU B 81 13.83 18.14 -17.23
CA LEU B 81 12.53 18.81 -17.07
C LEU B 81 11.43 17.81 -16.72
N MET B 82 11.40 16.68 -17.44
CA MET B 82 10.38 15.65 -17.22
C MET B 82 10.44 15.11 -15.79
N ARG B 83 11.65 14.95 -15.26
CA ARG B 83 11.85 14.58 -13.87
C ARG B 83 11.25 15.63 -12.94
N LEU B 84 11.49 16.90 -13.26
CA LEU B 84 10.94 18.02 -12.49
C LEU B 84 9.42 18.06 -12.59
N VAL B 85 8.89 17.78 -13.78
CA VAL B 85 7.44 17.70 -13.99
C VAL B 85 6.80 16.64 -13.09
N LEU B 86 7.48 15.50 -12.97
CA LEU B 86 7.03 14.40 -12.12
C LEU B 86 7.09 14.74 -10.64
N THR B 87 8.25 15.24 -10.20
CA THR B 87 8.54 15.46 -8.79
C THR B 87 7.65 16.53 -8.15
N VAL B 88 7.62 17.72 -8.72
CA VAL B 88 6.92 18.86 -8.11
C VAL B 88 5.39 18.77 -8.21
N ARG B 89 4.89 18.02 -9.19
CA ARG B 89 3.45 17.80 -9.35
C ARG B 89 2.93 16.80 -8.32
N SER B 90 3.68 15.71 -8.14
CA SER B 90 3.28 14.63 -7.23
C SER B 90 3.42 15.01 -5.76
N ASN B 91 4.34 15.92 -5.47
CA ASN B 91 4.60 16.41 -4.11
C ASN B 91 3.37 17.08 -3.47
N LEU B 92 2.46 17.57 -4.30
CA LEU B 92 1.24 18.24 -3.85
C LEU B 92 0.18 17.26 -3.34
N ILE B 93 0.50 15.98 -3.35
CA ILE B 93 -0.43 14.93 -2.94
C ILE B 93 0.06 14.15 -1.72
N PRO B 94 -0.81 14.01 -0.70
CA PRO B 94 -0.48 13.23 0.48
C PRO B 94 -0.33 11.75 0.16
N SER B 95 0.80 11.17 0.57
CA SER B 95 1.09 9.76 0.35
C SER B 95 2.04 9.25 1.45
N PRO B 96 1.59 8.30 2.29
CA PRO B 96 0.27 7.67 2.42
C PRO B 96 -0.90 8.66 2.51
N PRO B 97 -2.11 8.23 2.06
CA PRO B 97 -3.29 9.10 1.94
C PRO B 97 -3.78 9.62 3.30
N THR B 98 -4.56 10.69 3.28
CA THR B 98 -4.98 11.35 4.52
C THR B 98 -6.45 11.14 4.91
N TYR B 99 -7.38 11.83 4.24
CA TYR B 99 -8.78 11.88 4.69
C TYR B 99 -9.73 11.09 3.80
N ASN B 100 -10.96 10.92 4.30
CA ASN B 100 -12.07 10.33 3.55
C ASN B 100 -13.43 10.95 3.91
N ILE B 101 -14.52 10.38 3.40
CA ILE B 101 -15.87 10.90 3.67
C ILE B 101 -16.29 10.77 5.14
N ALA B 102 -15.65 9.86 5.87
CA ALA B 102 -16.00 9.58 7.26
C ALA B 102 -15.05 10.19 8.29
N HIS B 103 -13.84 10.54 7.86
CA HIS B 103 -12.82 11.10 8.75
C HIS B 103 -12.16 12.35 8.16
N ASP B 104 -12.38 13.49 8.83
CA ASP B 104 -11.75 14.76 8.46
C ASP B 104 -10.35 14.89 9.08
N TYR B 105 -9.82 13.76 9.53
CA TYR B 105 -8.54 13.69 10.20
C TYR B 105 -7.78 12.45 9.72
N ILE B 106 -6.56 12.28 10.21
CA ILE B 106 -5.77 11.09 9.90
C ILE B 106 -6.17 9.96 10.86
N SER B 107 -6.42 8.79 10.31
CA SER B 107 -6.76 7.59 11.10
C SER B 107 -6.28 6.33 10.40
N TRP B 108 -6.15 5.24 11.16
CA TRP B 108 -5.75 3.95 10.60
C TRP B 108 -6.81 3.41 9.66
N GLU B 109 -8.08 3.56 10.04
CA GLU B 109 -9.21 3.15 9.22
C GLU B 109 -9.18 3.82 7.86
N SER B 110 -8.81 5.10 7.86
CA SER B 110 -8.66 5.88 6.62
C SER B 110 -7.54 5.34 5.74
N PHE B 111 -6.50 4.80 6.38
CA PHE B 111 -5.39 4.17 5.67
C PHE B 111 -5.73 2.75 5.25
N SER B 112 -6.52 2.07 6.08
CA SER B 112 -6.77 0.63 5.93
C SER B 112 -7.94 0.27 5.01
N ASN B 113 -9.10 0.89 5.22
CA ASN B 113 -10.29 0.60 4.40
C ASN B 113 -10.13 1.15 2.99
N VAL B 114 -9.94 0.24 2.03
CA VAL B 114 -9.64 0.58 0.64
C VAL B 114 -10.87 1.06 -0.12
N SER B 115 -12.06 0.80 0.44
CA SER B 115 -13.32 1.14 -0.19
C SER B 115 -13.54 2.66 -0.26
N TYR B 116 -12.87 3.39 0.61
CA TYR B 116 -13.01 4.85 0.68
C TYR B 116 -12.26 5.57 -0.45
N TYR B 117 -12.89 6.59 -1.01
CA TYR B 117 -12.20 7.60 -1.79
C TYR B 117 -11.46 8.50 -0.81
N THR B 118 -10.36 9.11 -1.26
CA THR B 118 -9.61 10.04 -0.40
C THR B 118 -10.05 11.50 -0.56
N ARG B 119 -9.61 12.32 0.39
CA ARG B 119 -9.81 13.76 0.34
C ARG B 119 -8.46 14.43 0.47
N ILE B 120 -8.23 15.46 -0.33
CA ILE B 120 -7.04 16.29 -0.15
C ILE B 120 -7.35 17.39 0.87
N LEU B 121 -8.49 18.05 0.69
CA LEU B 121 -9.04 18.95 1.70
C LEU B 121 -10.08 18.21 2.55
N PRO B 122 -10.15 18.52 3.86
CA PRO B 122 -11.22 17.99 4.70
C PRO B 122 -12.58 18.59 4.30
N SER B 123 -13.66 17.93 4.71
CA SER B 123 -15.01 18.40 4.36
C SER B 123 -15.35 19.67 5.11
N VAL B 124 -16.30 20.43 4.56
CA VAL B 124 -16.87 21.57 5.25
C VAL B 124 -17.64 21.02 6.45
N PRO B 125 -17.21 21.38 7.68
CA PRO B 125 -17.84 20.88 8.89
C PRO B 125 -19.36 21.10 8.91
N ARG B 126 -20.09 20.16 9.50
CA ARG B 126 -21.55 20.19 9.53
C ARG B 126 -22.11 21.38 10.32
N ASP B 127 -21.32 21.88 11.28
CA ASP B 127 -21.75 22.96 12.17
C ASP B 127 -21.24 24.35 11.75
N CYS B 128 -21.09 24.55 10.43
CA CYS B 128 -20.75 25.86 9.90
C CYS B 128 -22.02 26.63 9.55
N PRO B 129 -21.97 27.99 9.64
CA PRO B 129 -23.12 28.83 9.32
C PRO B 129 -23.68 28.59 7.91
N THR B 130 -22.84 28.76 6.89
CA THR B 130 -23.21 28.53 5.50
C THR B 130 -22.73 27.14 5.06
N PRO B 131 -23.33 26.58 3.99
CA PRO B 131 -22.94 25.25 3.52
C PRO B 131 -21.52 25.19 2.96
N MET B 132 -20.99 26.33 2.54
CA MET B 132 -19.62 26.42 2.01
C MET B 132 -18.61 26.86 3.06
N GLY B 133 -19.05 26.91 4.31
CA GLY B 133 -18.19 27.27 5.42
C GLY B 133 -18.64 28.54 6.12
N THR B 134 -18.00 29.65 5.78
CA THR B 134 -18.27 30.93 6.44
C THR B 134 -18.99 31.93 5.53
N LYS B 135 -18.66 31.92 4.24
CA LYS B 135 -19.20 32.90 3.29
C LYS B 135 -20.31 32.33 2.40
N GLY B 136 -21.03 33.23 1.74
CA GLY B 136 -22.14 32.85 0.87
C GLY B 136 -23.50 32.93 1.56
N LYS B 137 -24.52 32.42 0.89
CA LYS B 137 -25.88 32.41 1.42
C LYS B 137 -26.15 31.16 2.24
N LYS B 138 -27.27 31.15 2.96
CA LYS B 138 -27.68 30.01 3.78
C LYS B 138 -28.05 28.80 2.94
N GLN B 139 -28.58 29.05 1.74
CA GLN B 139 -28.92 27.98 0.79
C GLN B 139 -28.15 28.16 -0.52
N LEU B 140 -27.45 27.11 -0.92
CA LEU B 140 -26.70 27.09 -2.18
C LEU B 140 -27.61 27.20 -3.40
N PRO B 141 -27.08 27.73 -4.52
CA PRO B 141 -27.86 27.89 -5.75
C PRO B 141 -28.37 26.54 -6.28
N ASP B 142 -29.53 26.57 -6.94
CA ASP B 142 -30.16 25.37 -7.47
C ASP B 142 -29.24 24.63 -8.43
N ALA B 143 -28.99 23.35 -8.15
CA ALA B 143 -28.10 22.52 -8.94
C ALA B 143 -28.61 22.32 -10.37
N GLU B 144 -29.92 22.05 -10.49
CA GLU B 144 -30.55 21.80 -11.79
C GLU B 144 -30.54 23.05 -12.65
N PHE B 145 -30.75 24.20 -12.02
CA PHE B 145 -30.78 25.49 -12.72
C PHE B 145 -29.40 25.95 -13.19
N LEU B 146 -28.38 25.72 -12.34
CA LEU B 146 -26.98 26.01 -12.68
C LEU B 146 -26.54 25.27 -13.94
N SER B 147 -26.95 24.00 -14.03
CA SER B 147 -26.60 23.13 -15.14
C SER B 147 -27.28 23.56 -16.44
N ARG B 148 -28.52 24.06 -16.32
CA ARG B 148 -29.30 24.50 -17.49
C ARG B 148 -28.87 25.87 -18.02
N ARG B 149 -28.47 26.76 -17.12
CA ARG B 149 -28.17 28.14 -17.47
C ARG B 149 -26.71 28.37 -17.88
N PHE B 150 -25.80 27.60 -17.31
CA PHE B 150 -24.36 27.82 -17.52
C PHE B 150 -23.61 26.65 -18.16
N LEU B 151 -24.10 25.43 -17.97
CA LEU B 151 -23.41 24.24 -18.47
C LEU B 151 -24.03 23.67 -19.74
N LEU B 152 -25.35 23.77 -19.85
CA LEU B 152 -26.09 23.22 -20.98
C LEU B 152 -25.61 23.73 -22.34
N ARG B 153 -25.33 22.79 -23.25
CA ARG B 153 -24.89 23.13 -24.60
C ARG B 153 -26.03 23.72 -25.41
N ARG B 154 -25.71 24.76 -26.18
CA ARG B 154 -26.65 25.39 -27.09
C ARG B 154 -26.14 25.16 -28.51
N LYS B 155 -25.04 25.83 -28.85
CA LYS B 155 -24.33 25.58 -30.11
C LYS B 155 -23.08 24.76 -29.81
N PHE B 156 -22.73 23.85 -30.73
CA PHE B 156 -21.57 22.98 -30.54
C PHE B 156 -20.25 23.74 -30.68
N ILE B 157 -19.48 23.74 -29.59
CA ILE B 157 -18.14 24.33 -29.58
C ILE B 157 -17.10 23.21 -29.56
N PRO B 158 -16.42 23.00 -30.71
CA PRO B 158 -15.38 21.98 -30.79
C PRO B 158 -14.12 22.41 -30.06
N ASP B 159 -13.26 21.44 -29.73
CA ASP B 159 -12.01 21.73 -29.06
C ASP B 159 -10.99 22.33 -30.02
N PRO B 160 -10.43 23.50 -29.67
CA PRO B 160 -9.40 24.17 -30.48
C PRO B 160 -8.08 23.41 -30.60
N GLN B 161 -7.81 22.51 -29.65
CA GLN B 161 -6.60 21.68 -29.69
C GLN B 161 -6.72 20.51 -30.67
N GLY B 162 -7.88 20.37 -31.28
CA GLY B 162 -8.12 19.35 -32.29
C GLY B 162 -8.30 17.95 -31.74
N THR B 163 -8.76 17.86 -30.48
CA THR B 163 -9.02 16.58 -29.83
C THR B 163 -10.20 15.89 -30.51
N ASN B 164 -10.03 14.60 -30.78
CA ASN B 164 -11.09 13.81 -31.40
C ASN B 164 -11.85 12.95 -30.40
N LEU B 165 -12.86 12.23 -30.89
CA LEU B 165 -13.66 11.34 -30.05
C LEU B 165 -12.88 10.09 -29.63
N MET B 166 -11.88 9.73 -30.44
CA MET B 166 -10.98 8.63 -30.13
C MET B 166 -10.28 8.85 -28.78
N PHE B 167 -9.89 10.10 -28.53
CA PHE B 167 -9.40 10.50 -27.21
C PHE B 167 -10.50 10.38 -26.17
N ALA B 168 -11.65 11.00 -26.45
CA ALA B 168 -12.77 11.08 -25.52
C ALA B 168 -13.22 9.71 -25.02
N PHE B 169 -13.26 8.73 -25.92
CA PHE B 169 -13.62 7.36 -25.54
C PHE B 169 -12.52 6.69 -24.74
N PHE B 170 -11.27 6.91 -25.13
CA PHE B 170 -10.12 6.41 -24.37
C PHE B 170 -10.17 6.97 -22.95
N ALA B 171 -10.37 8.29 -22.86
CA ALA B 171 -10.53 8.98 -21.59
C ALA B 171 -11.54 8.27 -20.70
N GLN B 172 -12.73 8.02 -21.26
CA GLN B 172 -13.83 7.38 -20.54
C GLN B 172 -13.51 5.93 -20.16
N HIS B 173 -13.01 5.17 -21.13
CA HIS B 173 -12.61 3.78 -20.94
C HIS B 173 -11.54 3.66 -19.86
N PHE B 174 -10.42 4.35 -20.08
CA PHE B 174 -9.30 4.36 -19.16
C PHE B 174 -9.70 4.81 -17.76
N THR B 175 -10.43 5.93 -17.69
CA THR B 175 -10.77 6.55 -16.41
C THR B 175 -11.68 5.68 -15.54
N HIS B 176 -12.48 4.82 -16.17
CA HIS B 176 -13.46 4.00 -15.47
C HIS B 176 -12.90 2.71 -14.86
N GLN B 177 -11.57 2.60 -14.82
CA GLN B 177 -10.92 1.50 -14.11
C GLN B 177 -10.61 1.87 -12.66
N PHE B 178 -10.56 3.16 -12.37
CA PHE B 178 -10.36 3.65 -11.00
C PHE B 178 -11.53 4.47 -10.46
N PHE B 179 -12.45 4.87 -11.34
CA PHE B 179 -13.70 5.50 -10.92
C PHE B 179 -14.85 4.51 -10.99
N LYS B 180 -15.28 4.01 -9.83
CA LYS B 180 -16.37 3.06 -9.73
C LYS B 180 -17.18 3.29 -8.45
N THR B 181 -18.04 4.31 -8.48
CA THR B 181 -18.83 4.67 -7.31
C THR B 181 -19.89 3.61 -6.97
N SER B 182 -19.80 3.08 -5.75
CA SER B 182 -20.71 2.06 -5.25
C SER B 182 -22.10 2.63 -4.96
N GLY B 183 -23.11 2.10 -5.64
CA GLY B 183 -24.50 2.49 -5.40
C GLY B 183 -25.03 1.86 -4.12
N LYS B 184 -24.44 0.74 -3.73
CA LYS B 184 -24.81 0.03 -2.51
C LYS B 184 -24.33 0.78 -1.26
N MET B 185 -23.06 1.18 -1.26
CA MET B 185 -22.44 1.85 -0.13
C MET B 185 -22.66 3.38 -0.13
N GLY B 186 -22.82 3.95 -1.32
CA GLY B 186 -23.09 5.38 -1.46
C GLY B 186 -21.91 6.20 -1.97
N PRO B 187 -22.08 7.54 -2.04
CA PRO B 187 -21.03 8.44 -2.51
C PRO B 187 -19.84 8.49 -1.54
N GLY B 188 -18.64 8.64 -2.10
CA GLY B 188 -17.42 8.61 -1.30
C GLY B 188 -16.81 7.22 -1.18
N PHE B 189 -17.47 6.24 -1.79
CA PHE B 189 -17.01 4.86 -1.79
C PHE B 189 -16.74 4.36 -3.21
N THR B 190 -15.78 3.45 -3.34
CA THR B 190 -15.36 2.90 -4.63
C THR B 190 -15.32 1.37 -4.64
N LYS B 191 -15.54 0.78 -5.82
CA LYS B 191 -15.40 -0.66 -6.01
C LYS B 191 -14.04 -1.02 -6.60
N ALA B 192 -13.40 -0.05 -7.25
CA ALA B 192 -12.08 -0.23 -7.87
C ALA B 192 -10.98 -0.20 -6.81
N LEU B 193 -10.84 -1.32 -6.10
CA LEU B 193 -9.93 -1.43 -4.96
C LEU B 193 -8.44 -1.36 -5.33
N GLY B 194 -8.14 -1.49 -6.62
CA GLY B 194 -6.77 -1.40 -7.13
C GLY B 194 -6.19 0.00 -7.08
N HIS B 195 -7.07 1.00 -7.16
CA HIS B 195 -6.70 2.42 -7.09
C HIS B 195 -5.58 2.80 -8.06
N GLY B 196 -5.92 2.88 -9.34
CA GLY B 196 -4.96 3.25 -10.37
C GLY B 196 -5.03 2.33 -11.58
N VAL B 197 -3.95 2.30 -12.35
CA VAL B 197 -3.90 1.52 -13.57
C VAL B 197 -3.61 0.05 -13.27
N ASP B 198 -4.66 -0.67 -12.91
CA ASP B 198 -4.58 -2.11 -12.62
C ASP B 198 -5.28 -2.93 -13.71
N LEU B 199 -5.99 -2.23 -14.59
CA LEU B 199 -6.81 -2.82 -15.65
C LEU B 199 -7.97 -3.66 -15.11
N GLY B 200 -8.56 -3.20 -14.01
CA GLY B 200 -9.77 -3.81 -13.43
C GLY B 200 -11.00 -3.56 -14.27
N HIS B 201 -10.81 -2.89 -15.40
CA HIS B 201 -11.87 -2.69 -16.39
C HIS B 201 -11.69 -3.66 -17.55
N ILE B 202 -10.62 -4.45 -17.49
CA ILE B 202 -10.33 -5.47 -18.49
C ILE B 202 -10.40 -6.86 -17.85
N TYR B 203 -9.88 -6.98 -16.63
CA TYR B 203 -9.84 -8.25 -15.92
C TYR B 203 -10.83 -8.35 -14.75
N GLY B 204 -11.42 -7.21 -14.38
CA GLY B 204 -12.44 -7.19 -13.32
C GLY B 204 -11.94 -6.67 -11.99
N ASP B 205 -12.88 -6.21 -11.16
CA ASP B 205 -12.56 -5.63 -9.86
C ASP B 205 -12.33 -6.68 -8.76
N ASN B 206 -12.68 -7.93 -9.04
CA ASN B 206 -12.46 -9.03 -8.10
C ASN B 206 -11.96 -10.30 -8.78
N LEU B 207 -11.38 -11.19 -7.98
CA LEU B 207 -10.75 -12.42 -8.49
C LEU B 207 -11.76 -13.47 -8.96
N GLU B 208 -12.89 -13.56 -8.25
CA GLU B 208 -13.97 -14.49 -8.62
C GLU B 208 -14.52 -14.20 -10.01
N ARG B 209 -14.58 -12.91 -10.37
CA ARG B 209 -15.01 -12.48 -11.70
C ARG B 209 -13.90 -12.66 -12.73
N GLN B 210 -12.66 -12.38 -12.32
CA GLN B 210 -11.50 -12.48 -13.20
C GLN B 210 -11.42 -13.86 -13.88
N TYR B 211 -11.48 -14.92 -13.06
CA TYR B 211 -11.39 -16.30 -13.54
C TYR B 211 -12.48 -16.67 -14.53
N GLN B 212 -13.65 -16.04 -14.39
CA GLN B 212 -14.78 -16.28 -15.29
C GLN B 212 -14.50 -15.78 -16.71
N LEU B 213 -13.71 -14.71 -16.81
CA LEU B 213 -13.29 -14.16 -18.09
C LEU B 213 -12.15 -14.92 -18.75
N ARG B 214 -11.36 -15.63 -17.94
CA ARG B 214 -10.15 -16.30 -18.44
C ARG B 214 -10.46 -17.64 -19.12
N LEU B 215 -9.75 -17.90 -20.22
CA LEU B 215 -9.87 -19.15 -20.95
C LEU B 215 -9.20 -20.31 -20.21
N PHE B 216 -8.15 -19.98 -19.46
CA PHE B 216 -7.33 -20.96 -18.72
C PHE B 216 -6.56 -21.91 -19.64
N LYS B 217 -6.15 -21.39 -20.80
CA LYS B 217 -5.24 -22.08 -21.71
C LYS B 217 -4.37 -21.05 -22.42
N ASP B 218 -3.07 -21.12 -22.15
CA ASP B 218 -2.07 -20.19 -22.70
C ASP B 218 -2.20 -18.75 -22.17
N GLY B 219 -2.77 -18.60 -20.99
CA GLY B 219 -2.87 -17.31 -20.31
C GLY B 219 -3.87 -16.33 -20.92
N LYS B 220 -4.59 -16.78 -21.95
CA LYS B 220 -5.52 -15.93 -22.68
C LYS B 220 -6.85 -15.77 -21.94
N LEU B 221 -7.56 -14.68 -22.25
CA LEU B 221 -8.94 -14.52 -21.81
C LEU B 221 -9.85 -15.18 -22.86
N LYS B 222 -11.07 -15.48 -22.46
CA LYS B 222 -12.07 -16.05 -23.37
C LYS B 222 -12.43 -15.06 -24.47
N TYR B 223 -12.82 -15.59 -25.63
CA TYR B 223 -13.24 -14.78 -26.77
C TYR B 223 -14.17 -15.55 -27.70
N GLN B 224 -15.06 -14.83 -28.37
CA GLN B 224 -15.90 -15.39 -29.43
C GLN B 224 -15.54 -14.71 -30.76
N MET B 225 -15.69 -15.44 -31.85
CA MET B 225 -15.36 -14.89 -33.16
C MET B 225 -16.57 -14.66 -34.06
N LEU B 226 -16.77 -13.41 -34.45
CA LEU B 226 -17.87 -13.00 -35.32
C LEU B 226 -17.32 -12.32 -36.56
N ASN B 227 -17.82 -12.75 -37.73
CA ASN B 227 -17.37 -12.25 -39.04
C ASN B 227 -15.89 -12.52 -39.35
N GLY B 228 -15.27 -13.38 -38.54
CA GLY B 228 -13.84 -13.69 -38.68
C GLY B 228 -12.96 -12.92 -37.72
N GLU B 229 -13.53 -11.90 -37.08
CA GLU B 229 -12.79 -11.04 -36.14
C GLU B 229 -12.95 -11.51 -34.69
N VAL B 230 -11.96 -11.22 -33.87
CA VAL B 230 -11.97 -11.59 -32.45
C VAL B 230 -12.74 -10.56 -31.63
N TYR B 231 -13.66 -11.03 -30.78
CA TYR B 231 -14.47 -10.17 -29.92
C TYR B 231 -14.63 -10.77 -28.52
N PRO B 232 -14.97 -9.92 -27.52
CA PRO B 232 -15.23 -10.41 -26.16
C PRO B 232 -16.34 -11.46 -26.13
N PRO B 233 -16.21 -12.47 -25.24
CA PRO B 233 -17.15 -13.59 -25.22
C PRO B 233 -18.56 -13.20 -24.77
N SER B 234 -19.54 -14.04 -25.06
CA SER B 234 -20.90 -13.83 -24.60
C SER B 234 -21.03 -14.21 -23.13
N VAL B 235 -22.05 -13.65 -22.46
CA VAL B 235 -22.32 -13.95 -21.05
C VAL B 235 -22.67 -15.42 -20.86
N GLU B 236 -23.17 -16.05 -21.91
CA GLU B 236 -23.49 -17.48 -21.91
C GLU B 236 -22.24 -18.34 -21.70
N GLU B 237 -21.10 -17.86 -22.19
CA GLU B 237 -19.81 -18.55 -22.01
C GLU B 237 -19.07 -18.05 -20.77
N ALA B 238 -19.14 -16.74 -20.52
CA ALA B 238 -18.50 -16.11 -19.36
C ALA B 238 -19.52 -15.39 -18.48
N PRO B 239 -20.24 -16.13 -17.63
CA PRO B 239 -21.35 -15.57 -16.84
C PRO B 239 -20.93 -14.56 -15.76
N VAL B 240 -20.78 -13.31 -16.16
CA VAL B 240 -20.46 -12.23 -15.22
C VAL B 240 -21.54 -11.14 -15.21
N LEU B 241 -21.77 -10.56 -14.03
CA LEU B 241 -22.79 -9.53 -13.83
C LEU B 241 -22.47 -8.25 -14.60
N MET B 242 -23.37 -7.87 -15.51
CA MET B 242 -23.25 -6.63 -16.28
C MET B 242 -24.58 -5.89 -16.41
N HIS B 243 -24.51 -4.58 -16.60
CA HIS B 243 -25.68 -3.71 -16.53
C HIS B 243 -26.45 -3.54 -17.85
N TYR B 244 -26.52 -4.62 -18.64
CA TYR B 244 -27.30 -4.64 -19.87
C TYR B 244 -28.79 -4.48 -19.57
N PRO B 245 -29.51 -3.70 -20.41
CA PRO B 245 -30.97 -3.57 -20.26
C PRO B 245 -31.67 -4.92 -20.38
N ARG B 246 -32.66 -5.14 -19.52
CA ARG B 246 -33.40 -6.40 -19.47
C ARG B 246 -34.11 -6.66 -20.80
N GLY B 247 -33.76 -7.78 -21.43
CA GLY B 247 -34.37 -8.18 -22.70
C GLY B 247 -33.38 -8.51 -23.81
N ILE B 248 -32.13 -8.12 -23.61
CA ILE B 248 -31.06 -8.33 -24.59
C ILE B 248 -30.61 -9.80 -24.61
N PRO B 249 -30.53 -10.41 -25.82
CA PRO B 249 -30.00 -11.76 -26.02
C PRO B 249 -28.61 -11.96 -25.43
N PRO B 250 -28.34 -13.16 -24.87
CA PRO B 250 -27.02 -13.48 -24.31
C PRO B 250 -25.93 -13.57 -25.38
N GLN B 251 -26.31 -13.83 -26.63
CA GLN B 251 -25.37 -13.88 -27.75
C GLN B 251 -24.82 -12.49 -28.09
N SER B 252 -25.71 -11.51 -28.23
CA SER B 252 -25.32 -10.13 -28.53
C SER B 252 -24.68 -9.42 -27.33
N GLN B 253 -24.95 -9.94 -26.12
CA GLN B 253 -24.28 -9.51 -24.90
C GLN B 253 -22.81 -9.91 -24.97
N MET B 254 -21.93 -9.01 -24.52
CA MET B 254 -20.49 -9.29 -24.49
C MET B 254 -19.88 -9.01 -23.13
N ALA B 255 -19.13 -9.98 -22.61
CA ALA B 255 -18.56 -9.92 -21.26
C ALA B 255 -17.16 -9.33 -21.23
N VAL B 256 -16.95 -8.36 -20.33
CA VAL B 256 -15.66 -7.69 -20.13
C VAL B 256 -15.42 -7.40 -18.64
N GLY B 257 -14.29 -6.75 -18.34
CA GLY B 257 -13.91 -6.44 -16.97
C GLY B 257 -14.81 -5.43 -16.26
N GLN B 258 -15.25 -4.42 -17.01
CA GLN B 258 -16.11 -3.37 -16.48
C GLN B 258 -17.55 -3.61 -16.92
N GLU B 259 -18.46 -3.63 -15.94
CA GLU B 259 -19.85 -4.01 -16.17
C GLU B 259 -20.69 -3.00 -16.97
N VAL B 260 -20.27 -1.72 -16.95
CA VAL B 260 -20.99 -0.65 -17.64
C VAL B 260 -20.67 -0.64 -19.14
N PHE B 261 -19.51 -1.17 -19.51
CA PHE B 261 -18.97 -1.10 -20.88
C PHE B 261 -19.90 -1.61 -21.99
N GLY B 262 -20.94 -2.34 -21.62
CA GLY B 262 -21.91 -2.85 -22.58
C GLY B 262 -22.95 -1.85 -23.05
N LEU B 263 -22.84 -0.63 -22.53
CA LEU B 263 -23.82 0.42 -22.81
C LEU B 263 -23.45 1.32 -23.98
N LEU B 264 -22.14 1.48 -24.22
CA LEU B 264 -21.67 2.33 -25.31
C LEU B 264 -20.69 1.61 -26.23
N PRO B 265 -20.90 1.71 -27.56
CA PRO B 265 -20.05 1.06 -28.55
C PRO B 265 -18.60 1.56 -28.52
N GLY B 266 -18.40 2.80 -28.07
CA GLY B 266 -17.07 3.37 -27.90
C GLY B 266 -16.28 2.70 -26.79
N LEU B 267 -16.96 2.40 -25.68
CA LEU B 267 -16.36 1.71 -24.55
C LEU B 267 -16.10 0.24 -24.86
N MET B 268 -17.04 -0.37 -25.59
CA MET B 268 -16.92 -1.77 -26.00
C MET B 268 -15.86 -1.97 -27.08
N LEU B 269 -15.60 -0.90 -27.85
CA LEU B 269 -14.54 -0.89 -28.87
C LEU B 269 -13.17 -1.12 -28.23
N TYR B 270 -12.81 -0.26 -27.29
CA TYR B 270 -11.52 -0.37 -26.58
C TYR B 270 -11.37 -1.68 -25.82
N ALA B 271 -12.48 -2.18 -25.29
CA ALA B 271 -12.51 -3.48 -24.60
C ALA B 271 -12.08 -4.62 -25.51
N THR B 272 -12.41 -4.50 -26.80
CA THR B 272 -12.00 -5.47 -27.82
C THR B 272 -10.52 -5.34 -28.17
N ILE B 273 -10.02 -4.10 -28.21
CA ILE B 273 -8.62 -3.83 -28.52
C ILE B 273 -7.70 -4.49 -27.49
N TRP B 274 -7.94 -4.16 -26.22
CA TRP B 274 -7.14 -4.68 -25.11
C TRP B 274 -7.31 -6.19 -24.90
N LEU B 275 -8.42 -6.74 -25.40
CA LEU B 275 -8.65 -8.17 -25.40
C LEU B 275 -7.69 -8.83 -26.39
N ARG B 276 -7.71 -8.35 -27.63
CA ARG B 276 -6.85 -8.86 -28.70
C ARG B 276 -5.37 -8.70 -28.34
N GLU B 277 -5.05 -7.56 -27.72
CA GLU B 277 -3.69 -7.26 -27.31
C GLU B 277 -3.18 -8.26 -26.28
N HIS B 278 -3.99 -8.51 -25.24
CA HIS B 278 -3.65 -9.47 -24.19
C HIS B 278 -3.33 -10.84 -24.78
N ASN B 279 -4.25 -11.34 -25.61
CA ASN B 279 -4.07 -12.62 -26.27
C ASN B 279 -2.92 -12.63 -27.28
N ARG B 280 -2.66 -11.47 -27.90
CA ARG B 280 -1.52 -11.31 -28.81
C ARG B 280 -0.20 -11.42 -28.06
N VAL B 281 -0.16 -10.78 -26.87
CA VAL B 281 1.01 -10.81 -25.98
C VAL B 281 1.28 -12.22 -25.48
N CYS B 282 0.22 -12.96 -25.15
CA CYS B 282 0.32 -14.35 -24.69
C CYS B 282 0.98 -15.25 -25.73
N ASP B 283 0.72 -14.98 -27.01
CA ASP B 283 1.32 -15.73 -28.11
C ASP B 283 2.83 -15.54 -28.17
N LEU B 284 3.27 -14.30 -27.99
CA LEU B 284 4.70 -13.96 -28.02
C LEU B 284 5.44 -14.50 -26.80
N LEU B 285 4.78 -14.51 -25.65
CA LEU B 285 5.34 -15.04 -24.41
C LEU B 285 5.48 -16.56 -24.42
N LYS B 286 4.50 -17.25 -25.00
CA LYS B 286 4.54 -18.70 -25.15
C LYS B 286 5.70 -19.16 -26.04
N ALA B 287 6.03 -18.31 -27.02
CA ALA B 287 7.14 -18.57 -27.94
C ALA B 287 8.50 -18.63 -27.21
N GLU B 288 8.69 -17.70 -26.28
CA GLU B 288 9.94 -17.61 -25.51
C GLU B 288 10.02 -18.64 -24.40
N HIS B 289 8.89 -18.86 -23.72
CA HIS B 289 8.82 -19.80 -22.61
C HIS B 289 7.76 -20.88 -22.81
N PRO B 290 8.12 -22.00 -23.45
CA PRO B 290 7.20 -23.13 -23.63
C PRO B 290 6.89 -23.84 -22.32
N THR B 291 7.72 -23.61 -21.30
CA THR B 291 7.59 -24.29 -20.01
C THR B 291 6.57 -23.62 -19.09
N TRP B 292 6.26 -22.35 -19.38
CA TRP B 292 5.33 -21.56 -18.58
C TRP B 292 3.91 -22.13 -18.56
N GLY B 293 3.32 -22.18 -17.37
CA GLY B 293 1.93 -22.57 -17.20
C GLY B 293 1.00 -21.41 -17.52
N ASP B 294 -0.31 -21.63 -17.33
CA ASP B 294 -1.32 -20.63 -17.64
C ASP B 294 -1.18 -19.35 -16.83
N GLU B 295 -1.00 -19.52 -15.51
CA GLU B 295 -0.94 -18.38 -14.57
C GLU B 295 0.17 -17.40 -14.89
N GLN B 296 1.40 -17.90 -15.05
CA GLN B 296 2.55 -17.05 -15.36
C GLN B 296 2.39 -16.36 -16.71
N LEU B 297 1.83 -17.09 -17.68
CA LEU B 297 1.55 -16.51 -19.00
C LEU B 297 0.52 -15.40 -18.92
N PHE B 298 -0.48 -15.56 -18.05
CA PHE B 298 -1.51 -14.54 -17.86
C PHE B 298 -0.99 -13.32 -17.09
N GLN B 299 -0.40 -13.59 -15.92
CA GLN B 299 0.04 -12.54 -15.00
C GLN B 299 1.03 -11.58 -15.65
N THR B 300 1.97 -12.13 -16.41
CA THR B 300 2.96 -11.35 -17.14
C THR B 300 2.32 -10.51 -18.24
N ALA B 301 1.37 -11.11 -18.96
CA ALA B 301 0.65 -10.44 -20.03
C ALA B 301 -0.16 -9.26 -19.49
N ARG B 302 -0.65 -9.39 -18.27
CA ARG B 302 -1.34 -8.30 -17.58
C ARG B 302 -0.39 -7.14 -17.32
N LEU B 303 0.78 -7.45 -16.76
CA LEU B 303 1.79 -6.45 -16.43
C LEU B 303 2.32 -5.68 -17.63
N ILE B 304 2.44 -6.38 -18.76
CA ILE B 304 2.86 -5.77 -20.03
C ILE B 304 1.81 -4.78 -20.52
N LEU B 305 0.54 -5.17 -20.43
CA LEU B 305 -0.57 -4.30 -20.80
C LEU B 305 -0.73 -3.13 -19.82
N ILE B 306 -0.33 -3.34 -18.57
CA ILE B 306 -0.31 -2.27 -17.57
C ILE B 306 0.76 -1.23 -17.96
N GLY B 307 1.93 -1.73 -18.36
CA GLY B 307 3.02 -0.89 -18.81
C GLY B 307 2.71 -0.15 -20.11
N GLU B 308 2.08 -0.87 -21.05
CA GLU B 308 1.69 -0.29 -22.33
C GLU B 308 0.74 0.90 -22.15
N THR B 309 -0.21 0.76 -21.21
CA THR B 309 -1.17 1.82 -20.91
C THR B 309 -0.47 3.07 -20.38
N ILE B 310 0.40 2.88 -19.39
CA ILE B 310 1.11 4.00 -18.75
C ILE B 310 2.06 4.70 -19.73
N LYS B 311 2.49 3.98 -20.76
CA LYS B 311 3.29 4.57 -21.83
C LYS B 311 2.41 5.44 -22.72
N ILE B 312 1.33 4.86 -23.24
CA ILE B 312 0.41 5.56 -24.14
C ILE B 312 -0.19 6.80 -23.48
N VAL B 313 -0.70 6.63 -22.26
CA VAL B 313 -1.35 7.71 -21.52
C VAL B 313 -0.43 8.92 -21.32
N ILE B 314 0.82 8.69 -20.94
CA ILE B 314 1.76 9.79 -20.74
C ILE B 314 2.21 10.42 -22.06
N GLU B 315 2.79 9.60 -22.95
CA GLU B 315 3.43 10.12 -24.16
C GLU B 315 2.49 10.58 -25.27
N GLU B 316 1.21 10.21 -25.20
CA GLU B 316 0.25 10.55 -26.26
C GLU B 316 -1.03 11.20 -25.75
N TYR B 317 -1.64 10.60 -24.74
CA TYR B 317 -2.89 11.07 -24.14
C TYR B 317 -2.70 12.42 -23.43
N VAL B 318 -1.79 12.46 -22.46
CA VAL B 318 -1.49 13.67 -21.72
C VAL B 318 -0.76 14.70 -22.60
N GLN B 319 0.03 14.20 -23.56
CA GLN B 319 0.70 15.06 -24.53
C GLN B 319 -0.30 15.88 -25.33
N GLN B 320 -1.32 15.22 -25.87
CA GLN B 320 -2.41 15.86 -26.60
C GLN B 320 -3.16 16.85 -25.71
N LEU B 321 -3.52 16.38 -24.52
CA LEU B 321 -4.30 17.15 -23.55
C LEU B 321 -3.60 18.43 -23.10
N SER B 322 -2.30 18.33 -22.84
CA SER B 322 -1.51 19.46 -22.35
C SER B 322 -1.15 20.45 -23.46
N GLY B 323 -0.84 19.90 -24.65
CA GLY B 323 -0.42 20.70 -25.79
C GLY B 323 0.97 21.27 -25.61
N TYR B 324 1.77 20.62 -24.77
CA TYR B 324 3.14 21.06 -24.51
C TYR B 324 4.06 20.73 -25.68
N PHE B 325 4.96 21.66 -25.99
CA PHE B 325 5.97 21.44 -27.02
C PHE B 325 7.09 20.54 -26.50
N LEU B 326 7.18 20.43 -25.17
CA LEU B 326 8.09 19.48 -24.54
C LEU B 326 7.54 18.06 -24.73
N GLN B 327 8.38 17.18 -25.25
CA GLN B 327 8.00 15.78 -25.41
C GLN B 327 8.02 15.06 -24.07
N LEU B 328 6.82 14.74 -23.57
CA LEU B 328 6.68 13.97 -22.35
C LEU B 328 7.27 12.58 -22.56
N LYS B 329 7.98 12.08 -21.56
CA LYS B 329 8.66 10.79 -21.65
C LYS B 329 8.37 9.89 -20.45
N PHE B 330 7.90 8.68 -20.72
CA PHE B 330 7.72 7.67 -19.68
C PHE B 330 9.01 6.88 -19.44
N ASP B 331 9.70 7.26 -18.38
CA ASP B 331 10.84 6.51 -17.89
C ASP B 331 10.80 6.53 -16.37
N PRO B 332 10.50 5.37 -15.75
CA PRO B 332 10.46 5.26 -14.29
C PRO B 332 11.81 5.55 -13.63
N GLU B 333 12.89 5.39 -14.41
CA GLU B 333 14.26 5.60 -13.91
C GLU B 333 14.57 7.06 -13.55
N LEU B 334 13.71 7.98 -13.98
CA LEU B 334 13.83 9.38 -13.62
C LEU B 334 13.55 9.59 -12.13
N LEU B 335 12.63 8.80 -11.59
CA LEU B 335 12.26 8.89 -10.18
C LEU B 335 13.10 8.00 -9.26
N PHE B 336 14.13 7.36 -9.83
CA PHE B 336 15.04 6.54 -9.06
C PHE B 336 16.01 7.39 -8.21
N GLY B 337 16.00 8.69 -8.46
CA GLY B 337 16.89 9.62 -7.76
C GLY B 337 16.28 10.23 -6.51
N ALA B 338 15.08 10.78 -6.64
CA ALA B 338 14.43 11.48 -5.54
C ALA B 338 13.54 10.56 -4.70
N GLN B 339 12.84 11.13 -3.74
CA GLN B 339 11.98 10.38 -2.83
C GLN B 339 10.56 10.31 -3.39
N PHE B 340 10.08 9.09 -3.60
CA PHE B 340 8.78 8.87 -4.20
C PHE B 340 8.10 7.65 -3.59
N GLN B 341 6.80 7.78 -3.32
CA GLN B 341 6.00 6.67 -2.80
C GLN B 341 5.23 5.99 -3.92
N TYR B 342 5.51 4.70 -4.11
CA TYR B 342 4.82 3.90 -5.12
C TYR B 342 3.52 3.34 -4.53
N ARG B 343 2.59 4.24 -4.28
CA ARG B 343 1.31 3.95 -3.63
C ARG B 343 0.30 5.02 -4.06
N ASN B 344 -0.89 4.58 -4.45
CA ASN B 344 -1.93 5.49 -4.92
C ASN B 344 -3.31 5.22 -4.35
N ARG B 345 -4.06 6.28 -4.09
CA ARG B 345 -5.43 6.22 -3.62
C ARG B 345 -6.22 7.35 -4.29
N ILE B 346 -7.27 6.99 -5.02
CA ILE B 346 -8.06 7.95 -5.79
C ILE B 346 -8.88 8.88 -4.89
N ALA B 347 -8.77 10.18 -5.15
CA ALA B 347 -9.49 11.19 -4.38
C ALA B 347 -10.87 11.44 -4.98
N MET B 348 -11.82 11.78 -4.11
CA MET B 348 -13.18 12.14 -4.53
C MET B 348 -13.20 13.41 -5.37
N GLU B 349 -12.24 14.31 -5.14
CA GLU B 349 -12.12 15.54 -5.93
C GLU B 349 -11.57 15.28 -7.32
N PHE B 350 -10.80 14.20 -7.47
CA PHE B 350 -10.32 13.76 -8.77
C PHE B 350 -11.48 13.19 -9.59
N ASN B 351 -12.45 12.61 -8.89
CA ASN B 351 -13.66 12.09 -9.51
C ASN B 351 -14.49 13.22 -10.13
N GLN B 352 -14.73 14.27 -9.34
CA GLN B 352 -15.50 15.44 -9.79
C GLN B 352 -14.81 16.12 -10.99
N LEU B 353 -13.48 16.18 -10.92
CA LEU B 353 -12.65 16.85 -11.91
C LEU B 353 -12.71 16.19 -13.30
N TYR B 354 -12.75 14.86 -13.31
CA TYR B 354 -12.61 14.11 -14.57
C TYR B 354 -13.91 14.00 -15.36
N HIS B 355 -15.00 14.57 -14.84
CA HIS B 355 -16.30 14.54 -15.51
C HIS B 355 -16.32 15.41 -16.76
N TRP B 356 -15.64 14.93 -17.81
CA TRP B 356 -15.50 15.68 -19.05
C TRP B 356 -16.56 15.31 -20.07
N HIS B 357 -17.82 15.57 -19.72
CA HIS B 357 -18.95 15.25 -20.59
C HIS B 357 -19.11 16.19 -21.78
N PRO B 358 -18.60 17.44 -21.69
CA PRO B 358 -18.56 18.32 -22.87
C PRO B 358 -17.79 17.75 -24.06
N LEU B 359 -16.98 16.72 -23.84
CA LEU B 359 -16.23 16.05 -24.90
C LEU B 359 -17.15 15.44 -25.96
N MET B 360 -18.33 14.99 -25.51
CA MET B 360 -19.28 14.28 -26.36
C MET B 360 -20.03 15.24 -27.30
N PRO B 361 -20.19 14.84 -28.58
CA PRO B 361 -20.79 15.68 -29.62
C PRO B 361 -22.31 15.66 -29.64
N ASP B 362 -22.91 16.43 -30.54
CA ASP B 362 -24.37 16.47 -30.71
C ASP B 362 -24.90 15.19 -31.33
N SER B 363 -24.12 14.60 -32.23
CA SER B 363 -24.44 13.30 -32.84
C SER B 363 -23.14 12.55 -33.15
N PHE B 364 -23.26 11.26 -33.44
CA PHE B 364 -22.08 10.42 -33.68
C PHE B 364 -22.02 9.99 -35.15
N ARG B 365 -20.95 10.42 -35.82
CA ARG B 365 -20.79 10.19 -37.25
C ARG B 365 -19.85 9.03 -37.58
N VAL B 366 -20.34 8.09 -38.38
CA VAL B 366 -19.54 6.97 -38.87
C VAL B 366 -19.54 6.99 -40.41
N GLY B 367 -18.59 7.74 -40.96
CA GLY B 367 -18.49 7.91 -42.41
C GLY B 367 -19.65 8.73 -42.97
N PRO B 368 -20.33 8.20 -44.01
CA PRO B 368 -21.49 8.88 -44.60
C PRO B 368 -22.77 8.72 -43.78
N GLN B 369 -22.70 7.95 -42.70
CA GLN B 369 -23.86 7.75 -41.81
C GLN B 369 -23.72 8.53 -40.51
N ASP B 370 -24.84 9.03 -40.01
CA ASP B 370 -24.88 9.77 -38.76
C ASP B 370 -25.85 9.11 -37.77
N TYR B 371 -25.37 8.88 -36.55
CA TYR B 371 -26.15 8.21 -35.51
C TYR B 371 -26.44 9.12 -34.32
N SER B 372 -27.73 9.24 -33.98
CA SER B 372 -28.15 10.04 -32.84
C SER B 372 -27.89 9.31 -31.53
N TYR B 373 -28.10 10.01 -30.41
CA TYR B 373 -27.94 9.44 -29.08
C TYR B 373 -28.82 8.22 -28.82
N GLU B 374 -30.04 8.26 -29.34
CA GLU B 374 -30.97 7.14 -29.21
C GLU B 374 -30.48 5.91 -29.96
N GLN B 375 -29.86 6.13 -31.12
CA GLN B 375 -29.33 5.06 -31.96
C GLN B 375 -28.00 4.54 -31.43
N PHE B 376 -27.10 5.45 -31.09
CA PHE B 376 -25.74 5.09 -30.68
C PHE B 376 -25.68 4.44 -29.31
N LEU B 377 -26.39 5.00 -28.35
CA LEU B 377 -26.45 4.43 -27.00
C LEU B 377 -27.12 3.06 -27.00
N PHE B 378 -26.53 2.13 -26.25
CA PHE B 378 -27.08 0.79 -26.00
C PHE B 378 -27.09 -0.17 -27.20
N ASN B 379 -26.56 0.23 -28.35
CA ASN B 379 -26.51 -0.69 -29.49
C ASN B 379 -25.45 -1.79 -29.32
N THR B 380 -25.88 -3.03 -29.54
CA THR B 380 -25.02 -4.22 -29.46
C THR B 380 -24.47 -4.63 -30.83
N SER B 381 -25.28 -4.42 -31.87
CA SER B 381 -24.95 -4.80 -33.23
C SER B 381 -23.92 -3.85 -33.87
N MET B 382 -23.89 -2.61 -33.39
CA MET B 382 -23.10 -1.54 -34.01
C MET B 382 -21.60 -1.82 -34.15
N LEU B 383 -20.98 -2.30 -33.07
CA LEU B 383 -19.53 -2.53 -33.09
C LEU B 383 -19.14 -3.74 -33.95
N VAL B 384 -20.09 -4.64 -34.17
CA VAL B 384 -19.85 -5.84 -34.98
C VAL B 384 -20.22 -5.60 -36.44
N ASP B 385 -21.12 -4.63 -36.67
CA ASP B 385 -21.52 -4.24 -38.02
C ASP B 385 -20.39 -3.61 -38.81
N TYR B 386 -19.67 -2.68 -38.17
CA TYR B 386 -18.56 -1.99 -38.81
C TYR B 386 -17.22 -2.66 -38.52
N GLY B 387 -17.09 -3.19 -37.31
CA GLY B 387 -15.83 -3.80 -36.86
C GLY B 387 -14.96 -2.82 -36.08
N VAL B 388 -13.76 -3.25 -35.71
CA VAL B 388 -12.81 -2.41 -35.00
C VAL B 388 -12.19 -1.37 -35.94
N GLU B 389 -11.75 -1.83 -37.11
CA GLU B 389 -11.11 -0.96 -38.11
C GLU B 389 -11.93 0.30 -38.43
N ALA B 390 -13.17 0.10 -38.87
CA ALA B 390 -14.01 1.21 -39.33
C ALA B 390 -14.39 2.18 -38.20
N LEU B 391 -14.66 1.62 -37.02
CA LEU B 391 -15.02 2.43 -35.85
C LEU B 391 -13.86 3.26 -35.32
N VAL B 392 -12.65 2.70 -35.38
CA VAL B 392 -11.44 3.43 -34.98
C VAL B 392 -11.22 4.63 -35.91
N ASP B 393 -11.43 4.42 -37.20
CA ASP B 393 -11.33 5.49 -38.19
C ASP B 393 -12.39 6.58 -37.95
N ALA B 394 -13.59 6.16 -37.57
CA ALA B 394 -14.72 7.06 -37.41
C ALA B 394 -14.56 8.07 -36.27
N PHE B 395 -14.17 7.59 -35.09
CA PHE B 395 -14.03 8.45 -33.91
C PHE B 395 -12.78 9.32 -33.96
N SER B 396 -11.81 8.91 -34.77
CA SER B 396 -10.55 9.64 -34.90
C SER B 396 -10.64 10.85 -35.83
N ARG B 397 -11.72 10.92 -36.61
CA ARG B 397 -11.92 12.00 -37.57
C ARG B 397 -12.92 13.05 -37.07
N GLN B 398 -13.79 12.66 -36.15
CA GLN B 398 -14.82 13.56 -35.61
C GLN B 398 -14.27 14.34 -34.42
N PRO B 399 -14.42 15.69 -34.44
CA PRO B 399 -13.86 16.54 -33.39
C PRO B 399 -14.62 16.44 -32.07
N ALA B 400 -13.89 16.35 -30.96
CA ALA B 400 -14.49 16.36 -29.64
C ALA B 400 -14.77 17.80 -29.21
N GLY B 401 -15.51 17.95 -28.10
CA GLY B 401 -15.87 19.27 -27.59
C GLY B 401 -14.94 19.79 -26.53
N ARG B 402 -14.77 21.11 -26.50
CA ARG B 402 -13.99 21.79 -25.46
C ARG B 402 -14.63 21.55 -24.09
N ILE B 403 -13.82 21.09 -23.12
CA ILE B 403 -14.29 20.83 -21.77
C ILE B 403 -14.60 22.11 -21.00
N GLY B 404 -13.67 23.06 -21.03
CA GLY B 404 -13.81 24.31 -20.27
C GLY B 404 -14.70 25.35 -20.92
N GLY B 405 -14.54 26.60 -20.50
CA GLY B 405 -15.29 27.72 -21.06
C GLY B 405 -16.73 27.80 -20.57
N GLY B 406 -17.51 26.77 -20.90
CA GLY B 406 -18.91 26.70 -20.51
C GLY B 406 -19.82 26.40 -21.69
N ARG B 407 -21.05 25.97 -21.37
CA ARG B 407 -22.10 25.71 -22.37
C ARG B 407 -21.65 24.76 -23.48
N ASN B 408 -21.28 23.54 -23.10
CA ASN B 408 -20.81 22.56 -24.09
C ASN B 408 -21.12 21.09 -23.74
N ILE B 409 -21.83 20.85 -22.65
CA ILE B 409 -22.32 19.50 -22.35
C ILE B 409 -23.73 19.29 -22.91
N ASP B 410 -23.85 18.29 -23.78
CA ASP B 410 -25.10 17.97 -24.48
C ASP B 410 -26.24 17.63 -23.52
N HIS B 411 -27.47 17.97 -23.92
CA HIS B 411 -28.65 17.84 -23.08
C HIS B 411 -29.00 16.40 -22.69
N HIS B 412 -28.58 15.44 -23.51
CA HIS B 412 -28.84 14.02 -23.25
C HIS B 412 -28.11 13.54 -21.99
N ILE B 413 -26.86 13.97 -21.83
CA ILE B 413 -26.02 13.55 -20.71
C ILE B 413 -25.95 14.64 -19.64
N LEU B 414 -26.78 15.68 -19.80
CA LEU B 414 -26.77 16.83 -18.90
C LEU B 414 -27.18 16.49 -17.46
N HIS B 415 -27.94 15.40 -17.30
CA HIS B 415 -28.42 14.95 -16.00
C HIS B 415 -27.27 14.51 -15.07
N VAL B 416 -26.15 14.12 -15.67
CA VAL B 416 -24.95 13.75 -14.92
C VAL B 416 -24.38 14.96 -14.18
N ALA B 417 -24.19 16.05 -14.91
CA ALA B 417 -23.67 17.30 -14.36
C ALA B 417 -24.41 17.74 -13.11
N VAL B 418 -25.73 17.58 -13.12
CA VAL B 418 -26.57 17.88 -11.97
C VAL B 418 -26.21 17.01 -10.77
N ASP B 419 -26.06 15.70 -11.02
CA ASP B 419 -25.73 14.73 -9.97
C ASP B 419 -24.35 14.98 -9.35
N VAL B 420 -23.39 15.37 -10.18
CA VAL B 420 -22.04 15.71 -9.72
C VAL B 420 -22.07 16.86 -8.71
N ILE B 421 -22.82 17.92 -9.04
CA ILE B 421 -23.02 19.07 -8.15
C ILE B 421 -23.76 18.65 -6.88
N LYS B 422 -24.82 17.87 -7.06
CA LYS B 422 -25.61 17.35 -5.93
C LYS B 422 -24.77 16.48 -5.01
N GLU B 423 -23.91 15.64 -5.60
CA GLU B 423 -23.03 14.75 -4.84
C GLU B 423 -21.93 15.55 -4.13
N SER B 424 -21.43 16.58 -4.78
CA SER B 424 -20.43 17.48 -4.21
C SER B 424 -20.88 18.02 -2.86
N ARG B 425 -22.15 18.45 -2.80
CA ARG B 425 -22.76 18.97 -1.57
C ARG B 425 -22.93 17.91 -0.49
N VAL B 426 -23.20 16.67 -0.91
CA VAL B 426 -23.28 15.53 0.01
C VAL B 426 -21.90 15.22 0.57
N LEU B 427 -20.88 15.26 -0.30
CA LEU B 427 -19.49 15.05 0.11
C LEU B 427 -18.93 16.26 0.88
N ARG B 428 -19.65 17.37 0.81
CA ARG B 428 -19.30 18.62 1.52
C ARG B 428 -17.91 19.14 1.16
N LEU B 429 -17.62 19.18 -0.14
CA LEU B 429 -16.33 19.67 -0.64
C LEU B 429 -16.15 21.16 -0.39
N GLN B 430 -14.92 21.55 -0.06
CA GLN B 430 -14.58 22.96 0.17
C GLN B 430 -14.72 23.80 -1.10
N PRO B 431 -14.98 25.11 -0.94
CA PRO B 431 -15.13 26.02 -2.09
C PRO B 431 -13.95 25.99 -3.07
N PHE B 432 -14.24 26.34 -4.31
CA PHE B 432 -13.27 26.32 -5.41
C PHE B 432 -11.95 27.03 -5.08
N ASN B 433 -12.03 28.20 -4.45
CA ASN B 433 -10.86 29.00 -4.10
C ASN B 433 -9.97 28.37 -3.03
N GLU B 434 -10.57 27.56 -2.17
CA GLU B 434 -9.82 26.81 -1.16
C GLU B 434 -9.03 25.67 -1.81
N TYR B 435 -9.60 25.09 -2.87
CA TYR B 435 -8.90 24.09 -3.66
C TYR B 435 -7.80 24.70 -4.51
N ARG B 436 -7.95 25.98 -4.85
CA ARG B 436 -6.94 26.72 -5.61
C ARG B 436 -5.69 27.01 -4.77
N LYS B 437 -5.90 27.49 -3.55
CA LYS B 437 -4.80 27.74 -2.60
C LYS B 437 -3.98 26.48 -2.36
N ARG B 438 -4.66 25.34 -2.21
CA ARG B 438 -4.03 24.06 -1.95
C ARG B 438 -3.15 23.59 -3.10
N PHE B 439 -3.55 23.94 -4.33
CA PHE B 439 -2.77 23.56 -5.51
C PHE B 439 -1.82 24.67 -5.99
N GLY B 440 -1.37 25.51 -5.04
CA GLY B 440 -0.37 26.53 -5.30
C GLY B 440 -0.81 27.69 -6.17
N MET B 441 -2.09 28.02 -6.12
CA MET B 441 -2.65 29.10 -6.91
C MET B 441 -3.29 30.18 -6.03
N LYS B 442 -3.56 31.33 -6.63
CA LYS B 442 -4.22 32.42 -5.93
C LYS B 442 -5.74 32.24 -5.98
N PRO B 443 -6.44 32.57 -4.88
CA PRO B 443 -7.90 32.59 -4.93
C PRO B 443 -8.40 33.73 -5.83
N TYR B 444 -9.49 33.48 -6.55
CA TYR B 444 -10.08 34.51 -7.41
C TYR B 444 -10.73 35.59 -6.56
N THR B 445 -10.40 36.85 -6.87
CA THR B 445 -10.88 38.00 -6.12
C THR B 445 -12.35 38.32 -6.45
N SER B 446 -12.76 38.01 -7.67
CA SER B 446 -14.14 38.22 -8.11
C SER B 446 -14.59 37.17 -9.12
N PHE B 447 -15.87 37.21 -9.49
CA PHE B 447 -16.44 36.32 -10.50
C PHE B 447 -15.98 36.70 -11.92
N GLN B 448 -15.68 37.98 -12.11
CA GLN B 448 -15.22 38.49 -13.40
C GLN B 448 -13.83 37.96 -13.75
N GLU B 449 -12.98 37.82 -12.73
CA GLU B 449 -11.62 37.30 -12.90
C GLU B 449 -11.63 35.82 -13.28
N LEU B 450 -12.64 35.10 -12.78
CA LEU B 450 -12.82 33.67 -13.07
C LEU B 450 -13.19 33.40 -14.52
N THR B 451 -14.04 34.25 -15.08
CA THR B 451 -14.62 34.02 -16.41
C THR B 451 -13.98 34.84 -17.53
N GLY B 452 -13.48 36.03 -17.19
CA GLY B 452 -12.97 36.98 -18.19
C GLY B 452 -14.08 37.43 -19.11
N GLU B 453 -15.26 37.61 -18.53
CA GLU B 453 -16.49 37.78 -19.27
C GLU B 453 -17.50 38.54 -18.37
N LYS B 454 -18.41 39.27 -18.99
CA LYS B 454 -19.29 40.19 -18.25
C LYS B 454 -20.64 39.60 -17.83
N GLU B 455 -21.40 39.09 -18.79
CA GLU B 455 -22.80 38.70 -18.58
C GLU B 455 -23.00 37.53 -17.60
N MET B 456 -22.33 36.41 -17.85
CA MET B 456 -22.47 35.20 -17.03
C MET B 456 -21.86 35.36 -15.63
N ALA B 457 -20.85 36.22 -15.52
CA ALA B 457 -20.20 36.51 -14.24
C ALA B 457 -21.13 37.28 -13.31
N ALA B 458 -21.94 38.17 -13.88
CA ALA B 458 -22.91 38.97 -13.13
C ALA B 458 -23.99 38.10 -12.49
N GLU B 459 -24.46 37.09 -13.24
CA GLU B 459 -25.48 36.18 -12.74
C GLU B 459 -24.93 35.22 -11.68
N LEU B 460 -23.66 34.83 -11.85
CA LEU B 460 -22.97 33.98 -10.87
C LEU B 460 -22.88 34.64 -9.49
N GLU B 461 -22.64 35.95 -9.46
CA GLU B 461 -22.61 36.71 -8.21
C GLU B 461 -24.00 36.84 -7.61
N GLU B 462 -25.01 36.92 -8.46
CA GLU B 462 -26.40 36.98 -8.02
C GLU B 462 -26.84 35.63 -7.42
N LEU B 463 -26.34 34.55 -7.98
CA LEU B 463 -26.66 33.20 -7.50
C LEU B 463 -25.89 32.84 -6.23
N TYR B 464 -24.58 33.08 -6.23
CA TYR B 464 -23.73 32.71 -5.10
C TYR B 464 -23.59 33.80 -4.04
N GLY B 465 -23.32 35.03 -4.46
CA GLY B 465 -23.14 36.15 -3.54
C GLY B 465 -21.69 36.54 -3.36
N ASP B 466 -20.90 35.58 -2.90
CA ASP B 466 -19.45 35.75 -2.72
C ASP B 466 -18.71 34.77 -3.62
N ILE B 467 -17.53 35.17 -4.09
CA ILE B 467 -16.66 34.31 -4.90
C ILE B 467 -16.08 33.14 -4.08
N ASP B 468 -15.83 33.38 -2.80
CA ASP B 468 -15.35 32.36 -1.87
C ASP B 468 -16.41 31.30 -1.54
N ALA B 469 -17.59 31.45 -2.16
CA ALA B 469 -18.69 30.50 -1.97
C ALA B 469 -18.92 29.62 -3.19
N LEU B 470 -18.22 29.91 -4.27
CA LEU B 470 -18.30 29.13 -5.50
C LEU B 470 -17.85 27.69 -5.30
N GLU B 471 -18.63 26.75 -5.85
CA GLU B 471 -18.39 25.32 -5.68
C GLU B 471 -17.29 24.80 -6.61
N PHE B 472 -16.77 23.63 -6.27
CA PHE B 472 -15.63 23.01 -6.96
C PHE B 472 -15.89 22.69 -8.43
N TYR B 473 -16.97 21.96 -8.72
CA TYR B 473 -17.27 21.52 -10.08
C TYR B 473 -17.70 22.64 -11.05
N PRO B 474 -18.64 23.51 -10.63
CA PRO B 474 -19.01 24.63 -11.51
C PRO B 474 -17.83 25.56 -11.79
N GLY B 475 -16.97 25.73 -10.78
CA GLY B 475 -15.80 26.61 -10.90
C GLY B 475 -14.79 26.15 -11.92
N LEU B 476 -14.65 24.84 -12.06
CA LEU B 476 -13.70 24.24 -13.01
C LEU B 476 -14.12 24.41 -14.46
N LEU B 477 -15.41 24.21 -14.72
CA LEU B 477 -15.94 24.24 -16.09
C LEU B 477 -16.27 25.65 -16.58
N LEU B 478 -16.51 26.57 -15.64
CA LEU B 478 -16.87 27.95 -15.97
C LEU B 478 -15.70 28.91 -15.86
N GLU B 479 -14.48 28.37 -15.93
CA GLU B 479 -13.26 29.16 -15.85
C GLU B 479 -12.80 29.60 -17.24
N LYS B 480 -12.26 30.82 -17.31
CA LYS B 480 -11.66 31.35 -18.54
C LYS B 480 -10.63 30.39 -19.12
N CYS B 481 -10.88 29.95 -20.35
CA CYS B 481 -9.92 29.14 -21.09
C CYS B 481 -8.87 30.04 -21.74
N HIS B 482 -7.62 29.60 -21.69
CA HIS B 482 -6.56 30.24 -22.46
C HIS B 482 -6.83 29.97 -23.94
N PRO B 483 -6.63 30.98 -24.81
CA PRO B 483 -6.95 30.79 -26.22
C PRO B 483 -6.21 29.58 -26.81
N ASN B 484 -6.91 28.83 -27.64
CA ASN B 484 -6.40 27.61 -28.30
C ASN B 484 -6.35 26.37 -27.40
N SER B 485 -6.52 26.55 -26.10
CA SER B 485 -6.45 25.42 -25.15
C SER B 485 -7.81 24.76 -24.86
N ILE B 486 -7.75 23.56 -24.31
CA ILE B 486 -8.94 22.71 -24.12
C ILE B 486 -9.75 23.03 -22.86
N PHE B 487 -9.09 23.50 -21.81
CA PHE B 487 -9.76 23.99 -20.60
C PHE B 487 -8.93 25.04 -19.84
N GLY B 488 -9.51 25.58 -18.77
CA GLY B 488 -8.86 26.59 -17.94
C GLY B 488 -7.71 26.03 -17.12
N GLU B 489 -6.84 26.94 -16.65
CA GLU B 489 -5.63 26.58 -15.92
C GLU B 489 -5.85 25.64 -14.74
N SER B 490 -6.95 25.84 -14.01
CA SER B 490 -7.23 25.07 -12.79
C SER B 490 -7.31 23.57 -13.02
N MET B 491 -7.85 23.16 -14.16
CA MET B 491 -7.95 21.73 -14.48
C MET B 491 -6.59 21.08 -14.74
N ILE B 492 -5.68 21.84 -15.35
CA ILE B 492 -4.29 21.39 -15.52
C ILE B 492 -3.61 21.34 -14.15
N GLU B 493 -3.72 22.43 -13.40
CA GLU B 493 -3.01 22.60 -12.13
C GLU B 493 -3.51 21.67 -11.02
N MET B 494 -4.73 21.18 -11.15
CA MET B 494 -5.30 20.26 -10.18
C MET B 494 -5.29 18.82 -10.69
N GLY B 495 -5.51 18.66 -12.00
CA GLY B 495 -5.61 17.34 -12.62
C GLY B 495 -4.30 16.61 -12.76
N ALA B 496 -3.28 17.31 -13.27
CA ALA B 496 -1.95 16.74 -13.50
C ALA B 496 -1.28 16.15 -12.25
N PRO B 497 -1.42 16.81 -11.07
CA PRO B 497 -0.93 16.18 -9.86
C PRO B 497 -1.55 14.80 -9.63
N PHE B 498 -2.88 14.73 -9.69
CA PHE B 498 -3.60 13.47 -9.52
C PHE B 498 -3.25 12.45 -10.61
N SER B 499 -3.13 12.93 -11.84
CA SER B 499 -2.89 12.09 -13.01
C SER B 499 -1.51 11.44 -12.98
N LEU B 500 -0.48 12.26 -12.81
CA LEU B 500 0.91 11.78 -12.82
C LEU B 500 1.27 10.94 -11.58
N LYS B 501 0.60 11.22 -10.47
CA LYS B 501 0.78 10.45 -9.24
C LYS B 501 0.22 9.03 -9.39
N GLY B 502 -0.95 8.93 -10.00
CA GLY B 502 -1.60 7.65 -10.25
C GLY B 502 -0.93 6.80 -11.31
N LEU B 503 -0.21 7.46 -12.22
CA LEU B 503 0.52 6.77 -13.28
C LEU B 503 1.89 6.26 -12.81
N LEU B 504 2.72 7.17 -12.30
CA LEU B 504 4.05 6.80 -11.83
C LEU B 504 4.06 6.11 -10.47
N GLY B 505 3.00 6.33 -9.69
CA GLY B 505 2.83 5.69 -8.39
C GLY B 505 2.50 4.21 -8.47
N ASN B 506 2.31 3.71 -9.68
CA ASN B 506 2.08 2.29 -9.93
C ASN B 506 3.34 1.48 -9.63
N PRO B 507 3.19 0.37 -8.87
CA PRO B 507 4.33 -0.44 -8.41
C PRO B 507 5.24 -0.98 -9.51
N ILE B 508 4.76 -1.04 -10.76
CA ILE B 508 5.59 -1.49 -11.87
C ILE B 508 6.65 -0.45 -12.26
N CYS B 509 6.45 0.79 -11.82
CA CYS B 509 7.40 1.87 -12.05
C CYS B 509 8.46 1.94 -10.95
N SER B 510 8.38 1.03 -9.99
CA SER B 510 9.31 0.98 -8.87
C SER B 510 10.60 0.22 -9.22
N PRO B 511 11.71 0.53 -8.53
CA PRO B 511 12.98 -0.20 -8.71
C PRO B 511 12.85 -1.72 -8.63
N GLU B 512 12.05 -2.22 -7.69
CA GLU B 512 11.83 -3.65 -7.51
C GLU B 512 11.17 -4.31 -8.72
N TYR B 513 10.23 -3.60 -9.34
CA TYR B 513 9.41 -4.16 -10.41
C TYR B 513 9.96 -3.85 -11.80
N TRP B 514 10.39 -2.60 -12.02
CA TRP B 514 10.82 -2.15 -13.34
C TRP B 514 12.09 -2.87 -13.82
N LYS B 515 11.90 -4.12 -14.26
CA LYS B 515 12.98 -4.99 -14.69
C LYS B 515 12.55 -5.74 -15.94
N ALA B 516 13.51 -6.27 -16.69
CA ALA B 516 13.24 -7.08 -17.87
C ALA B 516 12.49 -8.37 -17.51
N SER B 517 12.89 -8.99 -16.40
CA SER B 517 12.33 -10.27 -15.96
C SER B 517 10.85 -10.20 -15.61
N THR B 518 10.42 -9.03 -15.11
CA THR B 518 9.03 -8.80 -14.73
C THR B 518 8.09 -8.96 -15.92
N PHE B 519 8.58 -8.58 -17.09
CA PHE B 519 7.80 -8.64 -18.33
C PHE B 519 8.28 -9.78 -19.23
N GLY B 520 8.77 -10.83 -18.59
CA GLY B 520 9.18 -12.05 -19.28
C GLY B 520 10.36 -11.91 -20.23
N GLY B 521 11.26 -10.97 -19.92
CA GLY B 521 12.46 -10.78 -20.73
C GLY B 521 12.44 -9.52 -21.56
N GLU B 522 13.27 -9.49 -22.61
CA GLU B 522 13.43 -8.31 -23.46
C GLU B 522 12.23 -8.06 -24.36
N VAL B 523 11.63 -9.14 -24.85
CA VAL B 523 10.51 -9.06 -25.78
C VAL B 523 9.33 -8.30 -25.18
N GLY B 524 8.97 -8.65 -23.96
CA GLY B 524 7.87 -8.00 -23.24
C GLY B 524 8.23 -6.61 -22.74
N PHE B 525 9.50 -6.44 -22.37
CA PHE B 525 10.00 -5.17 -21.83
C PHE B 525 10.04 -4.08 -22.89
N ASN B 526 10.32 -4.47 -24.13
CA ASN B 526 10.30 -3.55 -25.27
C ASN B 526 8.88 -3.21 -25.71
N LEU B 527 7.97 -4.17 -25.59
CA LEU B 527 6.56 -3.95 -25.86
C LEU B 527 5.99 -2.80 -25.03
N VAL B 528 6.37 -2.77 -23.75
CA VAL B 528 6.02 -1.67 -22.85
C VAL B 528 6.66 -0.37 -23.33
N LYS B 529 7.93 -0.44 -23.69
CA LYS B 529 8.71 0.75 -24.08
C LYS B 529 8.36 1.31 -25.46
N THR B 530 7.89 0.45 -26.36
CA THR B 530 7.58 0.88 -27.73
C THR B 530 6.07 0.96 -27.98
N ALA B 531 5.30 1.04 -26.88
CA ALA B 531 3.85 1.08 -26.95
C ALA B 531 3.33 2.44 -27.45
N THR B 532 2.47 2.39 -28.47
CA THR B 532 1.77 3.57 -28.98
C THR B 532 0.31 3.24 -29.24
N LEU B 533 -0.50 4.27 -29.49
CA LEU B 533 -1.91 4.09 -29.82
C LEU B 533 -2.05 3.43 -31.20
N LYS B 534 -1.16 3.79 -32.12
CA LYS B 534 -1.13 3.23 -33.47
C LYS B 534 -0.82 1.73 -33.42
N LYS B 535 0.19 1.35 -32.65
CA LYS B 535 0.58 -0.05 -32.52
C LYS B 535 -0.52 -0.88 -31.88
N LEU B 536 -1.18 -0.32 -30.86
CA LEU B 536 -2.27 -0.98 -30.17
C LEU B 536 -3.40 -1.37 -31.13
N VAL B 537 -3.56 -0.57 -32.18
CA VAL B 537 -4.61 -0.81 -33.17
C VAL B 537 -4.10 -1.64 -34.36
N CYS B 538 -3.12 -1.11 -35.10
CA CYS B 538 -2.63 -1.73 -36.34
C CYS B 538 -2.24 -3.20 -36.19
N LEU B 539 -1.58 -3.53 -35.09
CA LEU B 539 -1.10 -4.89 -34.83
C LEU B 539 -2.24 -5.87 -34.56
N ASN B 540 -3.36 -5.35 -34.06
CA ASN B 540 -4.52 -6.16 -33.75
C ASN B 540 -5.61 -6.16 -34.82
N THR B 541 -5.38 -5.44 -35.91
CA THR B 541 -6.31 -5.39 -37.05
C THR B 541 -5.68 -5.93 -38.33
N LYS B 542 -6.53 -6.24 -39.30
CA LYS B 542 -6.08 -6.71 -40.62
C LYS B 542 -5.56 -5.54 -41.45
N THR B 543 -6.33 -4.45 -41.47
CA THR B 543 -5.94 -3.20 -42.10
C THR B 543 -5.92 -2.10 -41.05
N CYS B 544 -5.03 -1.13 -41.20
CA CYS B 544 -4.97 -0.04 -40.22
C CYS B 544 -5.51 1.29 -40.76
N PRO B 545 -6.49 1.87 -40.03
CA PRO B 545 -7.06 3.16 -40.37
C PRO B 545 -6.32 4.30 -39.69
N TYR B 546 -6.89 5.51 -39.74
CA TYR B 546 -6.33 6.67 -39.05
C TYR B 546 -6.46 6.49 -37.54
N VAL B 547 -5.33 6.55 -36.85
CA VAL B 547 -5.29 6.33 -35.41
C VAL B 547 -4.50 7.45 -34.71
N SER B 548 -5.22 8.29 -33.96
CA SER B 548 -4.60 9.32 -33.12
C SER B 548 -5.60 9.92 -32.13
N PHE B 549 -5.09 10.66 -31.15
CA PHE B 549 -5.92 11.40 -30.20
C PHE B 549 -6.34 12.76 -30.75
N HIS B 550 -5.95 13.06 -31.99
CA HIS B 550 -6.32 14.32 -32.64
C HIS B 550 -6.91 14.13 -34.05
N VAL B 551 -7.73 15.08 -34.46
CA VAL B 551 -8.34 15.09 -35.80
C VAL B 551 -7.25 15.18 -36.87
N PRO B 552 -7.43 14.52 -38.03
CA PRO B 552 -6.48 14.70 -39.12
C PRO B 552 -6.55 16.12 -39.67
N ASP B 553 -5.40 16.67 -40.04
CA ASP B 553 -5.33 18.03 -40.58
C ASP B 553 -4.10 18.22 -41.47
C1 NAG C . 26.46 -20.79 -14.36
C2 NAG C . 27.95 -20.97 -14.18
C3 NAG C . 28.39 -22.43 -14.38
C4 NAG C . 27.46 -23.44 -13.70
C5 NAG C . 25.98 -23.10 -13.94
C6 NAG C . 25.03 -23.98 -13.13
C7 NAG C . 29.65 -19.29 -14.71
C8 NAG C . 30.33 -18.51 -15.79
N2 NAG C . 28.70 -20.14 -15.11
O3 NAG C . 29.70 -22.59 -13.87
O4 NAG C . 27.85 -24.79 -14.01
O5 NAG C . 25.72 -21.75 -13.61
O6 NAG C . 25.15 -23.71 -11.75
O7 NAG C . 29.97 -19.15 -13.53
C1 NDG C . 27.54 -25.29 -15.33
C2 NDG C . 27.46 -26.82 -15.31
C3 NDG C . 28.85 -27.43 -15.20
C4 NDG C . 29.75 -26.93 -16.32
C5 NDG C . 29.75 -25.40 -16.40
C6 NDG C . 30.41 -24.91 -17.70
C7 NDG C . 25.31 -27.25 -14.20
C8 NDG C . 24.66 -27.81 -12.97
O5 NDG C . 28.42 -24.86 -16.38
O3 NDG C . 28.77 -28.84 -15.22
O4 NDG C . 31.07 -27.40 -16.07
O6 NDG C . 31.80 -25.09 -17.67
O7 NDG C . 24.62 -26.77 -15.10
N2 NDG C . 26.64 -27.30 -14.21
C1 NAG D . -5.70 -21.21 37.90
C2 NAG D . -5.67 -22.63 38.47
C3 NAG D . -6.05 -22.64 39.96
C4 NAG D . -5.22 -21.60 40.74
C5 NAG D . -5.31 -20.25 40.03
C6 NAG D . -4.46 -19.16 40.70
C7 NAG D . -6.18 -24.68 37.23
C8 NAG D . -7.21 -25.39 36.40
N2 NAG D . -6.54 -23.47 37.67
O3 NAG D . -5.84 -23.92 40.50
O4 NAG D . -5.69 -21.51 42.08
O5 NAG D . -4.87 -20.36 38.68
O6 NAG D . -5.29 -18.04 40.95
O7 NAG D . -5.10 -25.22 37.46
C1 NAG D . -4.66 -21.90 43.03
C2 NAG D . -5.05 -21.43 44.44
C3 NAG D . -4.03 -21.90 45.48
C4 NAG D . -3.76 -23.40 45.34
C5 NAG D . -3.35 -23.71 43.90
C6 NAG D . -3.08 -25.21 43.72
C7 NAG D . -6.37 -19.37 44.49
C8 NAG D . -6.33 -17.86 44.58
N2 NAG D . -5.19 -19.99 44.51
O3 NAG D . -4.50 -21.62 46.79
O4 NAG D . -2.76 -23.80 46.26
O5 NAG D . -4.38 -23.30 43.01
O6 NAG D . -2.56 -25.44 42.43
O7 NAG D . -7.45 -19.95 44.40
C1 NAG E . -6.63 -14.06 -2.70
C2 NAG E . -8.10 -13.80 -3.02
C3 NAG E . -9.00 -14.98 -2.63
C4 NAG E . -8.47 -16.32 -3.13
C5 NAG E . -6.98 -16.46 -2.84
C6 NAG E . -6.37 -17.68 -3.55
C7 NAG E . -8.92 -11.49 -3.06
C8 NAG E . -9.36 -10.31 -2.24
N2 NAG E . -8.54 -12.57 -2.38
O3 NAG E . -10.30 -14.74 -3.13
O4 NAG E . -9.14 -17.39 -2.49
O5 NAG E . -6.24 -15.32 -3.24
O6 NAG E . -6.01 -17.35 -4.88
O7 NAG E . -8.93 -11.42 -4.29
C1 NDG E . -10.15 -18.11 -3.26
C2 NDG E . -10.65 -19.30 -2.40
C3 NDG E . -11.23 -20.45 -3.24
C4 NDG E . -11.81 -19.91 -4.54
C5 NDG E . -10.73 -19.22 -5.38
C6 NDG E . -11.34 -18.28 -6.43
C7 NDG E . -8.47 -20.36 -1.77
C8 NDG E . -7.64 -20.80 -0.60
O5 NDG E . -9.76 -18.53 -4.57
O3 NDG E . -12.24 -21.10 -2.49
O4 NDG E . -12.62 -20.84 -5.27
O6 NDG E . -12.21 -17.34 -5.82
O7 NDG E . -8.06 -20.52 -2.92
N2 NDG E . -9.65 -19.81 -1.46
C1 BMA E . -12.01 -22.06 -5.77
C2 BMA E . -12.78 -23.28 -5.23
C3 BMA E . -14.23 -23.26 -5.69
C4 BMA E . -14.29 -23.01 -7.20
C5 BMA E . -12.89 -23.03 -7.80
C6 BMA E . -12.95 -22.80 -9.32
O2 BMA E . -12.72 -23.36 -3.81
O3 BMA E . -14.94 -22.23 -5.03
O4 BMA E . -15.12 -23.98 -7.79
O5 BMA E . -12.01 -22.09 -7.19
O6 BMA E . -12.75 -24.03 -9.98
C1 MAN E . -13.81 -24.37 -10.91
C2 MAN E . -13.17 -25.08 -12.11
C3 MAN E . -13.75 -24.59 -13.44
C4 MAN E . -15.27 -24.44 -13.37
C5 MAN E . -15.66 -23.47 -12.25
C6 MAN E . -16.98 -23.87 -11.60
O2 MAN E . -13.36 -26.48 -11.98
O3 MAN E . -13.40 -25.48 -14.49
O4 MAN E . -15.79 -23.99 -14.60
O5 MAN E . -14.63 -23.27 -11.28
O6 MAN E . -17.68 -22.72 -11.20
C1 MAN E . -18.79 -22.40 -12.09
C2 MAN E . -20.05 -22.15 -11.27
C3 MAN E . -21.17 -21.64 -12.18
C4 MAN E . -20.73 -21.61 -13.65
C5 MAN E . -20.04 -22.93 -14.06
C6 MAN E . -19.43 -22.83 -15.46
O2 MAN E . -19.78 -21.21 -10.23
O3 MAN E . -21.60 -20.34 -11.80
O4 MAN E . -21.85 -21.35 -14.46
O5 MAN E . -19.06 -23.34 -13.11
O6 MAN E . -18.27 -23.61 -15.56
C1 NAG F . -5.37 33.91 12.33
C2 NAG F . -5.17 35.37 12.74
C3 NAG F . -6.45 36.10 13.18
C4 NAG F . -7.74 35.61 12.50
C5 NAG F . -7.74 34.07 12.42
C6 NAG F . -9.00 33.50 11.79
C7 NAG F . -3.41 36.48 14.08
C8 NAG F . -2.48 36.33 15.25
N2 NAG F . -4.20 35.42 13.82
O3 NAG F . -6.29 37.48 12.94
O4 NAG F . -8.96 36.11 13.04
O5 NAG F . -6.62 33.67 11.69
O6 NAG F . -8.94 33.66 10.38
O7 NAG F . -3.42 37.53 13.44
C1 NDG F . -8.95 36.45 14.45
C2 NDG F . -10.24 36.00 15.15
C3 NDG F . -11.41 36.87 14.70
C4 NDG F . -11.09 38.33 15.02
C5 NDG F . -9.79 38.72 14.29
C6 NDG F . -9.37 40.16 14.55
C7 NDG F . -10.72 33.75 16.01
C8 NDG F . -11.01 32.32 15.68
O5 NDG F . -8.73 37.84 14.69
O3 NDG F . -12.61 36.48 15.33
O4 NDG F . -12.17 39.17 14.68
O6 NDG F . -8.22 40.47 13.81
O7 NDG F . -10.66 34.10 17.20
N2 NDG F . -10.52 34.58 14.97
C1 NAG G . -27.14 0.88 -33.62
C2 NAG G . -28.59 0.90 -34.12
C3 NAG G . -28.78 0.07 -35.39
C4 NAG G . -27.69 0.32 -36.43
C5 NAG G . -26.31 0.30 -35.74
C6 NAG G . -25.15 0.58 -36.69
C7 NAG G . -30.56 1.18 -32.66
C8 NAG G . -31.37 0.56 -31.56
N2 NAG G . -29.51 0.47 -33.08
O3 NAG G . -30.05 0.35 -35.97
O4 NAG G . -27.77 -0.67 -37.46
O5 NAG G . -26.30 1.25 -34.69
O6 NAG G . -24.49 -0.64 -36.99
O7 NAG G . -30.88 2.27 -33.12
C1 NAG G . -27.89 -0.06 -38.77
C2 NAG G . -28.45 -1.06 -39.77
C3 NAG G . -28.75 -0.44 -41.14
C4 NAG G . -28.95 1.09 -41.20
C5 NAG G . -28.54 1.87 -39.95
C6 NAG G . -29.38 3.14 -39.82
C7 NAG G . -27.82 -3.45 -39.67
C8 NAG G . -26.74 -4.45 -39.97
N2 NAG G . -27.54 -2.18 -39.98
O3 NAG G . -29.89 -1.08 -41.69
O4 NAG G . -28.24 1.61 -42.30
O5 NAG G . -28.71 1.10 -38.77
O6 NAG G . -28.55 4.28 -39.85
O7 NAG G . -28.87 -3.83 -39.17
C1 NAG H . -15.10 -0.19 4.73
C2 NAG H . -15.78 -1.56 4.87
C3 NAG H . -17.17 -1.51 5.49
C4 NAG H . -17.48 -0.29 6.38
C5 NAG H . -16.60 0.92 6.04
C6 NAG H . -16.68 1.97 7.15
C7 NAG H . -15.06 -3.22 3.23
C8 NAG H . -15.28 -3.79 1.84
N2 NAG H . -15.85 -2.22 3.58
O3 NAG H . -17.31 -2.69 6.26
O4 NAG H . -18.85 0.11 6.35
O5 NAG H . -15.24 0.54 5.85
O6 NAG H . -17.90 2.67 7.06
O7 NAG H . -14.18 -3.70 3.96
C1 NDG H . -19.83 -0.96 6.44
C2 NDG H . -21.26 -0.49 6.21
C3 NDG H . -21.85 0.18 7.46
C4 NDG H . -21.65 -0.64 8.73
C5 NDG H . -20.22 -1.20 8.83
C6 NDG H . -20.13 -2.25 9.94
C7 NDG H . -21.12 1.66 4.90
C8 NDG H . -21.37 2.26 3.56
O5 NDG H . -19.76 -1.77 7.61
O3 NDG H . -23.23 0.39 7.25
O4 NDG H . -21.91 0.15 9.87
O6 NDG H . -19.87 -3.53 9.42
O7 NDG H . -20.69 2.38 5.82
N2 NDG H . -21.40 0.35 5.01
C1 BMA H . -23.18 -0.03 10.56
C2 BMA H . -24.08 -1.19 10.10
C3 BMA H . -25.44 -1.06 10.78
C4 BMA H . -25.31 -0.94 12.31
C5 BMA H . -24.22 0.06 12.73
C6 BMA H . -23.87 0.01 14.22
O2 BMA H . -23.49 -2.43 10.45
O3 BMA H . -26.24 -2.18 10.44
O4 BMA H . -26.55 -0.56 12.86
O5 BMA H . -23.03 -0.12 11.98
O6 BMA H . -24.29 -1.19 14.88
C1 BMA H . -23.15 -2.04 15.14
C2 BMA H . -22.91 -2.25 16.65
C3 BMA H . -23.95 -3.19 17.29
C4 BMA H . -24.56 -4.17 16.28
C5 BMA H . -23.59 -4.45 15.12
C6 BMA H . -24.17 -5.46 14.14
O2 BMA H . -22.88 -1.01 17.32
O3 BMA H . -24.99 -2.44 17.91
O4 BMA H . -24.89 -5.37 16.95
O5 BMA H . -23.21 -3.27 14.43
O6 BMA H . -25.11 -4.84 13.28
CHA HEM I . 1.65 -20.48 16.46
CHB HEM I . 1.40 -22.95 20.62
CHC HEM I . 4.64 -19.94 22.63
CHD HEM I . 5.26 -17.75 18.34
C1A HEM I . 1.27 -21.42 17.40
C2A HEM I . 0.28 -22.47 17.24
C3A HEM I . 0.22 -23.15 18.39
C4A HEM I . 1.15 -22.56 19.32
CMA HEM I . -0.69 -24.37 18.69
CAA HEM I . -0.52 -22.72 15.93
CBA HEM I . -1.95 -22.17 16.04
CGA HEM I . -2.24 -21.18 14.93
O1A HEM I . -1.96 -19.97 15.12
O2A HEM I . -2.76 -21.60 13.85
C1B HEM I . 2.09 -22.20 21.57
C2B HEM I . 1.82 -22.15 22.99
C3B HEM I . 2.71 -21.32 23.55
C4B HEM I . 3.59 -20.82 22.49
CMB HEM I . 0.69 -22.91 23.72
CAB HEM I . 2.80 -20.95 25.05
CBB HEM I . 3.29 -21.82 25.94
C1C HEM I . 5.05 -19.03 21.67
C2C HEM I . 5.82 -17.81 21.88
C3C HEM I . 5.98 -17.22 20.69
C4C HEM I . 5.32 -18.02 19.68
CMC HEM I . 6.36 -17.29 23.23
CAC HEM I . 6.74 -15.90 20.42
CBC HEM I . 7.82 -15.89 19.63
C1D HEM I . 4.32 -18.23 17.44
C2D HEM I . 4.12 -17.72 16.10
C3D HEM I . 2.99 -18.57 15.51
C4D HEM I . 2.62 -19.52 16.56
CMD HEM I . 4.87 -16.56 15.40
CAD HEM I . 2.36 -18.46 14.11
CBD HEM I . 1.11 -17.60 14.17
CGD HEM I . 0.28 -17.78 12.94
O1D HEM I . -0.94 -18.07 13.06
O2D HEM I . 0.83 -17.62 11.81
NA HEM I . 1.78 -21.50 18.69
NB HEM I . 3.17 -21.38 21.30
NC HEM I . 4.76 -19.12 20.32
ND HEM I . 3.43 -19.28 17.67
FE HEM I . 3.30 -20.33 19.52
C1 BOG J . 24.60 -4.64 8.53
O1 BOG J . 24.20 -4.07 9.77
C2 BOG J . 25.51 -5.85 8.77
O2 BOG J . 26.65 -5.47 9.52
C3 BOG J . 25.95 -6.42 7.42
O3 BOG J . 26.69 -7.63 7.64
C4 BOG J . 24.76 -6.72 6.51
O4 BOG J . 25.25 -6.96 5.19
C5 BOG J . 23.74 -5.57 6.49
O5 BOG J . 23.45 -5.07 7.79
C6 BOG J . 22.43 -6.02 5.83
O6 BOG J . 21.65 -6.78 6.76
C1' BOG J . 24.21 -2.63 9.72
C2' BOG J . 24.81 -2.09 11.01
C3' BOG J . 25.77 -0.93 10.74
C4' BOG J . 26.85 -0.85 11.81
C5' BOG J . 27.65 0.45 11.68
C6' BOG J . 29.13 0.22 11.98
C7' BOG J . 29.97 1.38 11.44
C8' BOG J . 31.08 0.89 10.54
C1 BOG K . 26.37 -5.09 29.20
O1 BOG K . 27.03 -4.72 30.42
C2 BOG K . 25.42 -6.25 29.45
O2 BOG K . 26.12 -7.49 29.26
C3 BOG K . 24.19 -6.22 28.53
O3 BOG K . 23.09 -5.64 29.24
C4 BOG K . 24.41 -5.47 27.21
O4 BOG K . 25.12 -6.31 26.28
C5 BOG K . 25.16 -4.14 27.37
O5 BOG K . 25.64 -3.96 28.71
C6 BOG K . 24.25 -2.97 26.99
O6 BOG K . 24.98 -1.75 27.11
C1 GOL L . -2.13 17.81 -17.82
O1 GOL L . -0.79 17.43 -17.61
C2 GOL L . -3.05 16.70 -17.31
O2 GOL L . -3.32 15.80 -18.35
C3 GOL L . -4.36 17.29 -16.79
O3 GOL L . -5.11 16.27 -16.16
CHA HEM M . -20.23 8.71 -14.69
CHB HEM M . -22.96 8.59 -18.69
CHC HEM M . -19.18 10.10 -21.35
CHD HEM M . -16.49 10.52 -17.32
C1A HEM M . -21.32 8.62 -15.52
C2A HEM M . -22.70 8.38 -15.12
C3A HEM M . -23.45 8.36 -16.23
C4A HEM M . -22.59 8.56 -17.37
CMA HEM M . -24.99 8.13 -16.30
CAA HEM M . -23.20 8.22 -13.66
CBA HEM M . -23.29 9.59 -13.00
CGA HEM M . -24.22 9.57 -11.81
O1A HEM M . -23.81 9.08 -10.73
O2A HEM M . -25.38 10.05 -11.95
C1B HEM M . -22.14 8.87 -19.78
C2B HEM M . -22.46 8.64 -21.17
C3B HEM M . -21.42 9.05 -21.92
C4B HEM M . -20.41 9.57 -21.01
CMB HEM M . -23.77 8.01 -21.70
CAB HEM M . -21.32 8.98 -23.45
CBB HEM M . -22.21 9.62 -24.23
C1C HEM M . -18.12 10.36 -20.50
C2C HEM M . -16.81 10.86 -20.87
C3C HEM M . -16.07 10.98 -19.76
C4C HEM M . -16.89 10.55 -18.64
CMC HEM M . -16.33 11.21 -22.30
CAC HEM M . -14.61 11.47 -19.68
CBC HEM M . -13.67 10.75 -19.06
C1D HEM M . -17.21 10.03 -16.24
C2D HEM M . -16.69 9.86 -14.91
C3D HEM M . -17.87 9.30 -14.07
C4D HEM M . -18.97 9.17 -15.01
CMD HEM M . -15.27 10.18 -14.40
CAD HEM M . -17.86 8.92 -12.57
CBD HEM M . -17.64 7.42 -12.43
CGD HEM M . -18.02 6.97 -11.05
O1D HEM M . -18.96 6.14 -10.91
O2D HEM M . -17.37 7.42 -10.06
NA HEM M . -21.30 8.72 -16.89
NB HEM M . -20.88 9.44 -19.71
NC HEM M . -18.13 10.19 -19.13
ND HEM M . -18.54 9.61 -16.26
FE HEM M . -19.72 9.50 -18.02
C1 BOG N . 2.81 36.02 -20.13
O1 BOG N . 3.85 36.94 -20.45
C2 BOG N . 2.33 36.24 -18.70
O2 BOG N . 3.43 36.08 -17.80
C3 BOG N . 1.21 35.26 -18.35
O3 BOG N . 0.65 35.60 -17.07
C4 BOG N . 0.10 35.27 -19.40
O4 BOG N . -0.75 34.13 -19.19
C5 BOG N . 0.64 35.26 -20.84
O5 BOG N . 1.69 36.22 -21.01
C6 BOG N . -0.47 35.56 -21.84
O6 BOG N . -1.10 34.33 -22.23
C1' BOG N . 5.06 36.27 -20.82
C2' BOG N . 5.82 37.10 -21.85
C3' BOG N . 7.30 36.73 -21.88
C4' BOG N . 8.10 37.32 -22.01
C5' BOG N . 9.08 36.36 -22.67
C6' BOG N . 10.36 36.23 -21.85
C7' BOG N . 10.62 34.77 -21.47
C8' BOG N . 11.42 34.68 -20.19
C1 BOG O . 4.94 22.54 -12.50
O1 BOG O . 5.36 21.49 -13.37
C2 BOG O . 4.02 23.50 -13.24
O2 BOG O . 4.72 24.10 -14.34
C3 BOG O . 3.50 24.60 -12.30
O3 BOG O . 2.48 25.35 -12.98
C4 BOG O . 2.95 24.02 -11.00
O4 BOG O . 2.68 25.07 -10.08
C5 BOG O . 3.92 23.01 -10.39
O5 BOG O . 4.26 22.00 -11.36
C6 BOG O . 3.36 22.34 -9.12
O6 BOG O . 2.24 21.51 -9.43
C1' BOG O . 6.78 21.43 -13.51
C2' BOG O . 7.20 21.81 -14.92
C3' BOG O . 7.94 23.14 -14.92
C4' BOG O . 9.33 23.01 -15.57
C5' BOG O . 9.29 23.36 -17.05
C6' BOG O . 9.91 24.73 -17.31
C7' BOG O . 9.50 25.25 -18.68
C8' BOG O . 10.49 26.28 -19.17
C1 BOG P . 17.02 21.44 -5.55
O1 BOG P . 15.84 21.66 -4.77
C2 BOG P . 18.20 22.19 -4.93
O2 BOG P . 17.99 23.60 -5.00
C3 BOG P . 19.52 21.85 -5.65
O3 BOG P . 20.63 22.38 -4.92
C4 BOG P . 19.69 20.34 -5.84
O4 BOG P . 20.82 20.11 -6.70
C5 BOG P . 18.43 19.72 -6.42
O5 BOG P . 17.30 20.04 -5.60
C6 BOG P . 18.54 18.20 -6.57
O6 BOG P . 17.60 17.75 -7.53
C1' BOG P . 14.67 21.11 -5.37
C2' BOG P . 13.50 22.08 -5.24
C3' BOG P . 12.30 21.38 -4.61
C4' BOG P . 11.15 22.37 -4.41
C5' BOG P . 9.95 21.71 -3.72
C6' BOG P . 9.17 22.71 -2.87
C7' BOG P . 7.71 22.32 -2.77
C8' BOG P . 6.99 23.17 -1.74
#